data_3N5F
#
_entry.id   3N5F
#
_cell.length_a   103.208
_cell.length_b   211.683
_cell.length_c   43.091
_cell.angle_alpha   90.00
_cell.angle_beta   90.00
_cell.angle_gamma   90.00
#
_symmetry.space_group_name_H-M   'P 21 21 2'
#
loop_
_entity.id
_entity.type
_entity.pdbx_description
1 polymer 'N-carbamoyl-L-amino acid hydrolase'
2 non-polymer 'ISOPROPYL ALCOHOL'
3 non-polymer 'COBALT (II) ION'
4 non-polymer 'CACODYLATE ION'
5 water water
#
_entity_poly.entity_id   1
_entity_poly.type   'polypeptide(L)'
_entity_poly.pdbx_seq_one_letter_code
;MIQGERLWQRLMELGEVGKQPSGGVTRLSFTAEERRAKDLVASYMREAGLFVYEDAAGNLIGRKEGTNPDATVVLVGSHL
DSVYNGGCFDGPLGVLAGVEVVQTMNEHGVVTHHPIEVVAFTDEEGARFRFGMIGSRAMAGTLPPEALECRDAEGISLAE
AMKQAGLDPDRLPQAARKPGTVKAYVELHIEQGRVLEETGLPVGIVTGIAGLIWVKFTIEGKAEHAGATPMSLRRDPMAA
AAQIIIVIEEEARRTGTTVGTVGQLHVYPGGINVIPERVEFVLDLRDLKAEVRDQVWKAIAVRAETIAKERNVRVTTERL
QEMPPVLCSDEVKRAAEAACQKLGYPSFWLPSGAAHDSVQLAPICPIGMIFVRSQDGVSHSPAEWSTKEDCAAGAEVLYH
TVWQLAQG
;
_entity_poly.pdbx_strand_id   A,B
#
# COMPACT_ATOMS: atom_id res chain seq x y z
N GLN A 3 31.73 1.64 -39.17
CA GLN A 3 30.40 2.16 -38.75
C GLN A 3 29.85 1.48 -37.47
N GLY A 4 29.18 0.34 -37.60
CA GLY A 4 28.66 -0.40 -36.43
C GLY A 4 29.64 -0.51 -35.24
N GLU A 5 30.83 -1.05 -35.52
CA GLU A 5 31.89 -1.30 -34.54
C GLU A 5 32.48 -0.05 -33.91
N ARG A 6 32.76 0.97 -34.74
CA ARG A 6 33.27 2.27 -34.26
C ARG A 6 32.33 2.87 -33.21
N LEU A 7 31.02 2.79 -33.47
CA LEU A 7 30.00 3.26 -32.51
C LEU A 7 30.14 2.51 -31.19
N TRP A 8 30.21 1.18 -31.28
CA TRP A 8 30.29 0.34 -30.09
C TRP A 8 31.55 0.63 -29.26
N GLN A 9 32.70 0.69 -29.94
CA GLN A 9 33.97 0.84 -29.25
C GLN A 9 33.95 2.14 -28.44
N ARG A 10 33.36 3.18 -29.04
CA ARG A 10 33.21 4.50 -28.42
C ARG A 10 32.28 4.49 -27.20
N LEU A 11 31.14 3.82 -27.33
CA LEU A 11 30.21 3.63 -26.22
C LEU A 11 30.88 3.02 -25.01
N MET A 12 31.73 2.04 -25.26
CA MET A 12 32.48 1.42 -24.19
C MET A 12 33.58 2.36 -23.70
N GLU A 13 34.33 2.94 -24.63
CA GLU A 13 35.39 3.88 -24.26
C GLU A 13 34.77 4.95 -23.34
N LEU A 14 33.60 5.46 -23.72
CA LEU A 14 32.92 6.53 -22.99
C LEU A 14 32.28 6.02 -21.72
N GLY A 15 31.71 4.82 -21.79
CA GLY A 15 31.13 4.11 -20.65
C GLY A 15 32.07 3.83 -19.47
N GLU A 16 33.36 4.09 -19.66
CA GLU A 16 34.36 3.98 -18.59
C GLU A 16 34.56 5.32 -17.85
N VAL A 17 34.07 6.42 -18.43
CA VAL A 17 34.42 7.74 -17.91
C VAL A 17 33.87 8.11 -16.53
N GLY A 18 32.66 7.70 -16.20
CA GLY A 18 32.18 7.93 -14.83
C GLY A 18 31.91 6.62 -14.11
N LYS A 19 32.53 5.54 -14.64
CA LYS A 19 32.28 4.16 -14.25
C LYS A 19 32.51 3.96 -12.77
N GLN A 20 31.45 3.53 -12.10
CA GLN A 20 31.46 3.33 -10.66
C GLN A 20 31.55 1.84 -10.34
N PRO A 21 32.37 1.49 -9.32
CA PRO A 21 32.48 0.13 -8.80
C PRO A 21 31.10 -0.35 -8.44
N SER A 22 30.20 0.61 -8.29
CA SER A 22 28.78 0.35 -8.14
C SER A 22 28.27 -0.52 -9.32
N GLY A 23 28.79 -0.30 -10.51
CA GLY A 23 28.36 -0.97 -11.76
C GLY A 23 28.06 0.05 -12.86
N GLY A 24 27.44 1.18 -12.51
CA GLY A 24 26.96 2.12 -13.53
C GLY A 24 27.84 3.31 -13.88
N VAL A 25 27.20 4.38 -14.34
CA VAL A 25 27.89 5.65 -14.55
C VAL A 25 27.30 6.72 -13.64
N THR A 26 28.17 7.52 -13.05
CA THR A 26 27.75 8.74 -12.40
C THR A 26 28.53 9.84 -13.11
N ARG A 27 27.79 10.61 -13.90
CA ARG A 27 28.38 11.70 -14.65
C ARG A 27 27.47 12.89 -14.42
N LEU A 28 27.83 13.74 -13.47
CA LEU A 28 27.04 14.91 -13.17
C LEU A 28 27.66 16.15 -13.80
N SER A 29 26.82 17.12 -14.12
CA SER A 29 27.26 18.26 -14.91
C SER A 29 28.31 19.05 -14.16
N PHE A 30 29.14 19.79 -14.89
CA PHE A 30 30.09 20.75 -14.32
C PHE A 30 31.09 20.16 -13.34
N THR A 31 31.29 18.85 -13.42
CA THR A 31 32.23 18.12 -12.61
C THR A 31 33.39 17.64 -13.47
N ALA A 32 34.41 17.10 -12.80
CA ALA A 32 35.59 16.61 -13.46
C ALA A 32 35.25 15.47 -14.44
N GLU A 33 34.16 14.77 -14.15
CA GLU A 33 33.80 13.59 -14.94
C GLU A 33 33.12 14.01 -16.24
N GLU A 34 32.46 15.16 -16.22
CA GLU A 34 31.82 15.70 -17.40
C GLU A 34 32.91 16.14 -18.36
N ARG A 35 33.86 16.92 -17.84
CA ARG A 35 34.98 17.41 -18.63
C ARG A 35 35.59 16.25 -19.40
N ARG A 36 35.98 15.22 -18.68
CA ARG A 36 36.71 14.09 -19.25
C ARG A 36 35.88 13.50 -20.41
N ALA A 37 34.55 13.60 -20.28
CA ALA A 37 33.61 12.99 -21.24
C ALA A 37 33.42 13.83 -22.50
N LYS A 38 33.41 15.16 -22.35
CA LYS A 38 33.31 16.04 -23.52
C LYS A 38 34.65 16.06 -24.25
N ASP A 39 35.73 16.38 -23.56
CA ASP A 39 37.04 16.28 -24.15
C ASP A 39 37.09 15.01 -24.94
N LEU A 40 36.58 13.93 -24.36
CA LEU A 40 36.57 12.70 -25.11
C LEU A 40 35.73 12.77 -26.38
N VAL A 41 34.45 13.17 -26.31
CA VAL A 41 33.63 13.17 -27.52
C VAL A 41 34.12 14.24 -28.48
N ALA A 42 34.57 15.36 -27.93
CA ALA A 42 35.14 16.48 -28.69
C ALA A 42 36.26 15.96 -29.57
N SER A 43 36.86 14.90 -29.11
CA SER A 43 38.02 14.36 -29.71
C SER A 43 37.57 13.52 -30.88
N TYR A 44 36.42 12.87 -30.74
CA TYR A 44 35.87 12.05 -31.82
C TYR A 44 35.38 12.95 -32.92
N MET A 45 34.74 14.04 -32.49
CA MET A 45 34.23 15.05 -33.37
C MET A 45 35.37 15.62 -34.22
N ARG A 46 36.50 15.96 -33.60
CA ARG A 46 37.64 16.53 -34.33
C ARG A 46 38.15 15.58 -35.41
N GLU A 47 38.17 14.30 -35.06
CA GLU A 47 38.51 13.21 -35.96
C GLU A 47 37.49 13.04 -37.08
N ALA A 48 36.21 13.29 -36.81
CA ALA A 48 35.19 13.25 -37.85
C ALA A 48 35.43 14.33 -38.94
N GLY A 49 36.14 15.38 -38.60
CA GLY A 49 36.42 16.41 -39.58
C GLY A 49 35.40 17.51 -39.52
N LEU A 50 35.09 17.92 -38.29
CA LEU A 50 34.07 18.88 -37.99
C LEU A 50 34.68 20.10 -37.32
N PHE A 51 33.99 21.23 -37.44
CA PHE A 51 34.30 22.40 -36.65
C PHE A 51 33.71 22.14 -35.27
N VAL A 52 34.51 22.28 -34.24
CA VAL A 52 34.05 21.93 -32.90
C VAL A 52 34.09 23.11 -31.95
N TYR A 53 33.00 23.32 -31.23
CA TYR A 53 32.91 24.38 -30.19
C TYR A 53 31.95 24.05 -29.05
N GLU A 54 32.03 24.85 -27.99
CA GLU A 54 31.10 24.77 -26.87
C GLU A 54 30.40 26.08 -26.71
N ASP A 55 29.09 26.04 -26.50
CA ASP A 55 28.36 27.28 -26.23
C ASP A 55 28.55 27.79 -24.79
N ALA A 56 27.92 28.91 -24.48
CA ALA A 56 28.09 29.57 -23.21
C ALA A 56 27.31 28.84 -22.10
N ALA A 57 26.62 27.76 -22.47
CA ALA A 57 25.96 26.88 -21.49
C ALA A 57 26.70 25.53 -21.41
N GLY A 58 27.81 25.44 -22.13
CA GLY A 58 28.65 24.25 -22.14
C GLY A 58 28.18 23.14 -23.08
N ASN A 59 27.16 23.41 -23.88
CA ASN A 59 26.79 22.44 -24.90
C ASN A 59 27.96 22.17 -25.85
N LEU A 60 28.06 20.93 -26.35
CA LEU A 60 29.17 20.61 -27.21
C LEU A 60 28.71 20.39 -28.66
N ILE A 61 29.25 21.19 -29.58
CA ILE A 61 28.82 21.17 -30.97
C ILE A 61 29.92 20.75 -31.92
N GLY A 62 29.57 19.89 -32.87
CA GLY A 62 30.45 19.54 -33.99
C GLY A 62 29.69 19.84 -35.27
N ARG A 63 30.18 20.80 -36.04
CA ARG A 63 29.49 21.25 -37.24
C ARG A 63 30.11 20.59 -38.46
N LYS A 64 29.26 20.07 -39.34
CA LYS A 64 29.69 19.66 -40.66
C LYS A 64 29.14 20.73 -41.58
N GLU A 65 30.02 21.42 -42.30
CA GLU A 65 29.59 22.56 -43.07
C GLU A 65 28.76 22.04 -44.21
N GLY A 66 27.66 22.73 -44.46
CA GLY A 66 26.88 22.40 -45.63
C GLY A 66 27.37 23.18 -46.83
N THR A 67 26.82 22.81 -47.97
CA THR A 67 27.05 23.47 -49.24
C THR A 67 26.48 24.91 -49.24
N ASN A 68 25.47 25.14 -48.45
CA ASN A 68 25.00 26.47 -48.20
C ASN A 68 25.34 26.89 -46.76
N PRO A 69 26.55 27.43 -46.56
CA PRO A 69 27.00 27.80 -45.23
C PRO A 69 26.01 28.71 -44.51
N ASP A 70 25.17 29.42 -45.25
CA ASP A 70 24.16 30.32 -44.66
C ASP A 70 22.83 29.60 -44.37
N ALA A 71 22.72 28.35 -44.78
CA ALA A 71 21.46 27.67 -44.63
C ALA A 71 21.16 27.27 -43.18
N THR A 72 19.94 26.83 -43.02
CA THR A 72 19.38 26.58 -41.77
C THR A 72 20.01 25.24 -41.26
N VAL A 73 20.24 25.14 -39.95
CA VAL A 73 21.01 24.05 -39.34
C VAL A 73 20.17 22.83 -38.98
N VAL A 74 20.59 21.65 -39.44
CA VAL A 74 19.97 20.40 -39.01
C VAL A 74 20.63 19.88 -37.70
N LEU A 75 19.85 19.89 -36.61
CA LEU A 75 20.37 19.49 -35.31
C LEU A 75 20.26 17.99 -35.04
N VAL A 76 21.30 17.45 -34.42
CA VAL A 76 21.42 16.01 -34.16
C VAL A 76 22.11 15.82 -32.81
N GLY A 77 21.38 15.40 -31.80
CA GLY A 77 22.03 15.21 -30.52
C GLY A 77 21.43 14.28 -29.50
N SER A 78 21.99 14.35 -28.29
CA SER A 78 21.39 13.80 -27.08
C SER A 78 22.15 14.39 -25.89
N HIS A 79 22.48 13.57 -24.88
CA HIS A 79 23.16 14.06 -23.69
C HIS A 79 24.31 13.15 -23.27
N LEU A 80 25.35 13.74 -22.69
CA LEU A 80 26.45 12.95 -22.18
C LEU A 80 26.34 12.63 -20.68
N ASP A 81 25.48 13.33 -19.94
CA ASP A 81 25.45 13.21 -18.50
C ASP A 81 24.53 12.07 -18.04
N SER A 82 24.53 11.76 -16.74
CA SER A 82 23.65 10.69 -16.23
C SER A 82 22.91 10.98 -14.91
N VAL A 83 22.07 10.02 -14.52
CA VAL A 83 21.51 9.89 -13.17
C VAL A 83 22.53 9.10 -12.32
N TYR A 84 22.25 8.89 -11.03
CA TYR A 84 23.28 8.39 -10.13
C TYR A 84 23.83 7.02 -10.45
N ASN A 85 22.97 6.08 -10.77
CA ASN A 85 23.57 4.81 -11.14
C ASN A 85 23.08 4.31 -12.44
N GLY A 86 23.66 4.89 -13.48
CA GLY A 86 23.08 4.88 -14.83
C GLY A 86 23.74 3.93 -15.81
N GLY A 87 23.08 3.71 -16.94
CA GLY A 87 23.63 2.86 -17.97
C GLY A 87 24.51 3.69 -18.88
N CYS A 88 25.20 3.06 -19.80
CA CYS A 88 26.09 3.82 -20.65
C CYS A 88 25.52 4.10 -22.06
N PHE A 89 24.23 3.79 -22.25
CA PHE A 89 23.54 4.05 -23.51
C PHE A 89 22.61 5.27 -23.47
N ASP A 90 21.96 5.50 -22.33
CA ASP A 90 21.12 6.69 -22.15
C ASP A 90 21.95 7.98 -22.22
N GLY A 91 21.91 8.61 -23.39
CA GLY A 91 22.68 9.79 -23.61
C GLY A 91 23.64 9.53 -24.73
N PRO A 92 24.70 8.76 -24.43
CA PRO A 92 25.73 8.53 -25.39
C PRO A 92 25.17 8.09 -26.72
N LEU A 93 24.22 7.18 -26.69
CA LEU A 93 23.87 6.54 -27.93
C LEU A 93 23.59 7.63 -28.96
N GLY A 94 22.93 8.70 -28.52
CA GLY A 94 22.50 9.72 -29.44
C GLY A 94 23.70 10.51 -29.91
N VAL A 95 24.46 11.00 -28.95
CA VAL A 95 25.61 11.85 -29.23
C VAL A 95 26.65 11.09 -30.05
N LEU A 96 26.85 9.83 -29.72
CA LEU A 96 27.83 9.05 -30.47
C LEU A 96 27.29 8.57 -31.81
N ALA A 97 25.98 8.39 -31.91
CA ALA A 97 25.41 7.97 -33.18
C ALA A 97 25.41 9.15 -34.14
N GLY A 98 25.15 10.33 -33.59
CA GLY A 98 25.13 11.57 -34.35
C GLY A 98 26.50 11.85 -34.93
N VAL A 99 27.53 11.79 -34.10
CA VAL A 99 28.91 11.87 -34.58
C VAL A 99 29.17 10.81 -35.64
N GLU A 100 28.68 9.59 -35.44
CA GLU A 100 28.92 8.56 -36.45
C GLU A 100 28.38 8.98 -37.80
N VAL A 101 27.17 9.57 -37.81
CA VAL A 101 26.57 9.99 -39.06
C VAL A 101 27.48 10.95 -39.82
N VAL A 102 27.72 12.12 -39.26
CA VAL A 102 28.50 13.12 -39.95
C VAL A 102 29.85 12.55 -40.46
N GLN A 103 30.63 11.95 -39.57
CA GLN A 103 31.89 11.29 -39.95
C GLN A 103 31.76 10.26 -41.09
N THR A 104 30.74 9.41 -41.03
CA THR A 104 30.54 8.46 -42.11
C THR A 104 30.33 9.26 -43.39
N MET A 105 29.47 10.29 -43.33
CA MET A 105 29.28 11.20 -44.45
C MET A 105 30.63 11.76 -44.97
N ASN A 106 31.41 12.38 -44.09
CA ASN A 106 32.66 12.95 -44.52
C ASN A 106 33.54 11.91 -45.20
N GLU A 107 33.76 10.74 -44.57
CA GLU A 107 34.59 9.67 -45.16
C GLU A 107 34.07 9.18 -46.51
N HIS A 108 32.76 9.12 -46.66
CA HIS A 108 32.20 8.84 -47.95
C HIS A 108 32.13 10.20 -48.60
N GLY A 109 31.58 10.34 -49.79
CA GLY A 109 31.71 11.67 -50.39
C GLY A 109 30.66 12.71 -50.03
N VAL A 110 30.14 12.72 -48.81
CA VAL A 110 28.79 13.24 -48.62
C VAL A 110 28.69 14.67 -48.14
N VAL A 111 28.07 15.48 -48.99
CA VAL A 111 27.79 16.84 -48.63
C VAL A 111 26.29 17.04 -48.77
N THR A 112 25.74 17.89 -47.92
CA THR A 112 24.32 18.17 -47.94
C THR A 112 24.15 19.66 -47.97
N HIS A 113 23.01 20.13 -48.51
CA HIS A 113 22.73 21.58 -48.64
C HIS A 113 22.76 22.30 -47.29
N HIS A 114 22.08 21.72 -46.30
CA HIS A 114 22.09 22.25 -44.95
C HIS A 114 23.30 21.74 -44.15
N PRO A 115 23.88 22.61 -43.31
CA PRO A 115 24.87 22.18 -42.33
C PRO A 115 24.24 21.27 -41.31
N ILE A 116 25.02 20.33 -40.83
CA ILE A 116 24.61 19.47 -39.75
C ILE A 116 25.41 19.81 -38.47
N GLU A 117 24.73 19.91 -37.35
CA GLU A 117 25.49 19.91 -36.11
C GLU A 117 25.11 18.77 -35.17
N VAL A 118 26.11 18.01 -34.76
CA VAL A 118 25.95 17.10 -33.65
C VAL A 118 26.05 17.89 -32.37
N VAL A 119 25.08 17.71 -31.48
CA VAL A 119 25.10 18.42 -30.21
C VAL A 119 25.09 17.49 -28.99
N ALA A 120 25.90 17.81 -27.99
CA ALA A 120 25.82 17.13 -26.69
C ALA A 120 25.32 18.09 -25.63
N PHE A 121 24.05 17.94 -25.26
CA PHE A 121 23.42 18.85 -24.33
C PHE A 121 23.93 18.69 -22.90
N THR A 122 24.20 19.80 -22.25
CA THR A 122 24.61 19.73 -20.87
C THR A 122 23.39 19.53 -19.97
N ASP A 123 23.51 18.56 -19.05
CA ASP A 123 22.52 18.29 -18.00
C ASP A 123 21.04 18.13 -18.39
N GLU A 124 20.73 17.04 -19.07
CA GLU A 124 19.35 16.68 -19.36
C GLU A 124 18.66 15.95 -18.24
N GLU A 125 19.43 15.13 -17.49
CA GLU A 125 18.87 14.33 -16.40
C GLU A 125 18.57 15.18 -15.15
N GLY A 126 19.33 16.25 -14.99
CA GLY A 126 19.11 17.20 -13.90
C GLY A 126 19.51 16.70 -12.52
N ALA A 127 20.37 15.67 -12.49
CA ALA A 127 20.74 14.99 -11.26
C ALA A 127 21.42 15.89 -10.25
N ARG A 128 22.26 16.81 -10.72
CA ARG A 128 23.00 17.65 -9.77
C ARG A 128 22.15 18.70 -9.08
N PHE A 129 21.13 19.21 -9.75
CA PHE A 129 20.45 20.38 -9.22
C PHE A 129 18.96 20.32 -9.04
N ARG A 130 18.35 19.14 -9.12
CA ARG A 130 16.88 19.05 -9.12
C ARG A 130 16.30 19.74 -10.37
N PHE A 131 17.17 20.18 -11.26
CA PHE A 131 16.69 20.91 -12.40
C PHE A 131 17.34 20.34 -13.63
N GLY A 132 16.51 19.92 -14.57
CA GLY A 132 16.97 19.23 -15.77
C GLY A 132 16.86 20.03 -17.05
N MET A 133 17.60 19.58 -18.05
CA MET A 133 17.59 20.18 -19.39
C MET A 133 18.15 21.60 -19.44
N ILE A 134 19.18 21.83 -18.61
CA ILE A 134 19.89 23.11 -18.58
C ILE A 134 20.35 23.53 -19.99
N GLY A 135 21.09 22.66 -20.65
CA GLY A 135 21.61 22.94 -22.00
C GLY A 135 20.58 23.22 -23.09
N SER A 136 19.70 22.26 -23.34
CA SER A 136 18.59 22.40 -24.27
C SER A 136 17.67 23.62 -24.01
N ARG A 137 17.36 23.90 -22.74
CA ARG A 137 16.62 25.11 -22.40
C ARG A 137 17.40 26.37 -22.78
N ALA A 138 18.71 26.37 -22.50
CA ALA A 138 19.61 27.50 -22.80
C ALA A 138 19.68 27.81 -24.27
N MET A 139 19.59 26.78 -25.09
CA MET A 139 19.67 26.91 -26.54
C MET A 139 18.33 27.30 -27.10
N ALA A 140 17.26 26.80 -26.49
CA ALA A 140 15.92 27.10 -26.95
C ALA A 140 15.52 28.51 -26.51
N GLY A 141 16.28 29.04 -25.54
CA GLY A 141 16.09 30.39 -24.99
C GLY A 141 15.19 30.44 -23.77
N THR A 142 14.88 29.29 -23.19
CA THR A 142 13.84 29.20 -22.17
C THR A 142 14.38 28.75 -20.83
N LEU A 143 15.66 29.03 -20.60
CA LEU A 143 16.32 28.66 -19.35
C LEU A 143 16.00 29.71 -18.29
N PRO A 144 15.17 29.35 -17.28
CA PRO A 144 14.71 30.36 -16.33
C PRO A 144 15.89 30.89 -15.52
N PRO A 145 15.89 32.22 -15.24
CA PRO A 145 17.01 32.80 -14.49
C PRO A 145 16.99 32.30 -13.03
N GLU A 146 15.89 31.70 -12.62
CA GLU A 146 15.68 31.15 -11.27
C GLU A 146 16.52 29.90 -10.97
N ALA A 147 16.98 29.22 -12.02
CA ALA A 147 17.72 27.99 -11.82
C ALA A 147 19.21 28.26 -11.64
N LEU A 148 19.60 29.53 -11.76
CA LEU A 148 20.96 29.94 -11.47
C LEU A 148 21.14 29.84 -9.95
N GLU A 149 20.01 30.01 -9.26
CA GLU A 149 19.92 29.90 -7.81
C GLU A 149 19.91 28.45 -7.27
N CYS A 150 19.45 27.48 -8.08
CA CYS A 150 19.36 26.04 -7.70
C CYS A 150 20.65 25.43 -7.15
N ARG A 151 20.53 24.71 -6.03
CA ARG A 151 21.69 24.25 -5.27
C ARG A 151 22.00 22.74 -5.19
N ASP A 152 23.29 22.47 -5.21
CA ASP A 152 23.90 21.17 -5.12
C ASP A 152 23.68 20.48 -3.76
N ALA A 153 23.81 19.15 -3.71
CA ALA A 153 23.91 18.42 -2.43
C ALA A 153 25.05 18.92 -1.53
N GLU A 154 26.21 19.22 -2.13
CA GLU A 154 27.33 19.87 -1.43
C GLU A 154 26.99 21.32 -1.21
N GLY A 155 25.87 21.73 -1.77
CA GLY A 155 25.34 23.06 -1.54
C GLY A 155 25.79 24.17 -2.48
N ILE A 156 26.68 23.86 -3.44
CA ILE A 156 27.08 24.80 -4.50
C ILE A 156 25.90 25.16 -5.41
N SER A 157 25.84 26.43 -5.81
CA SER A 157 24.74 26.92 -6.64
C SER A 157 25.10 26.81 -8.13
N LEU A 158 24.13 26.37 -8.94
CA LEU A 158 24.34 26.25 -10.39
C LEU A 158 25.29 27.34 -10.92
N ALA A 159 24.92 28.59 -10.71
CA ALA A 159 25.75 29.71 -11.08
C ALA A 159 27.19 29.51 -10.61
N GLU A 160 27.39 29.14 -9.35
CA GLU A 160 28.74 28.94 -8.79
C GLU A 160 29.49 27.77 -9.43
N ALA A 161 28.74 26.79 -9.93
CA ALA A 161 29.31 25.62 -10.60
C ALA A 161 29.73 25.95 -12.02
N MET A 162 29.02 26.89 -12.63
CA MET A 162 29.34 27.34 -13.99
C MET A 162 30.56 28.26 -13.98
N LYS A 163 30.59 29.21 -13.05
CA LYS A 163 31.78 30.04 -12.85
C LYS A 163 32.98 29.13 -12.62
N GLN A 164 32.82 28.17 -11.71
CA GLN A 164 33.83 27.15 -11.45
C GLN A 164 34.33 26.51 -12.73
N ALA A 165 33.43 26.04 -13.59
CA ALA A 165 33.81 25.49 -14.90
C ALA A 165 34.25 26.57 -15.91
N GLY A 166 34.34 27.82 -15.44
CA GLY A 166 34.70 28.96 -16.28
C GLY A 166 33.69 29.24 -17.38
N LEU A 167 32.44 29.44 -16.99
CA LEU A 167 31.39 29.81 -17.93
C LEU A 167 30.55 30.92 -17.31
N ASP A 168 30.68 32.12 -17.87
CA ASP A 168 30.02 33.31 -17.38
C ASP A 168 28.48 33.20 -17.46
N PRO A 169 27.81 33.05 -16.29
CA PRO A 169 26.33 32.91 -16.20
C PRO A 169 25.56 34.06 -16.83
N ASP A 170 26.24 35.19 -16.97
CA ASP A 170 25.63 36.38 -17.54
C ASP A 170 25.65 36.24 -19.06
N ARG A 171 26.62 35.50 -19.57
CA ARG A 171 26.75 35.27 -21.02
C ARG A 171 25.87 34.09 -21.46
N LEU A 172 24.99 33.63 -20.58
CA LEU A 172 24.08 32.51 -20.87
C LEU A 172 23.13 32.74 -22.06
N PRO A 173 22.52 33.93 -22.17
CA PRO A 173 21.50 34.08 -23.21
C PRO A 173 22.09 33.88 -24.60
N GLN A 174 23.41 34.00 -24.71
CA GLN A 174 24.11 33.91 -26.00
C GLN A 174 24.07 32.51 -26.61
N ALA A 175 23.73 31.52 -25.78
CA ALA A 175 23.59 30.13 -26.21
C ALA A 175 22.37 29.97 -27.10
N ALA A 176 21.44 30.92 -27.00
CA ALA A 176 20.16 30.83 -27.66
C ALA A 176 20.23 30.98 -29.20
N ARG A 177 19.25 30.42 -29.89
CA ARG A 177 19.22 30.46 -31.33
C ARG A 177 17.80 30.80 -31.76
N LYS A 178 17.66 31.50 -32.88
CA LYS A 178 16.35 31.87 -33.43
C LYS A 178 15.50 30.67 -33.88
N PRO A 179 14.18 30.89 -33.93
CA PRO A 179 13.26 29.92 -34.53
C PRO A 179 13.65 29.69 -35.99
N GLY A 180 14.24 30.71 -36.61
CA GLY A 180 14.74 30.60 -37.97
C GLY A 180 16.01 29.80 -38.15
N THR A 181 16.91 29.92 -37.18
CA THR A 181 18.29 29.43 -37.23
C THR A 181 18.42 27.93 -37.47
N VAL A 182 17.43 27.17 -37.03
CA VAL A 182 17.51 25.71 -37.02
C VAL A 182 16.38 25.08 -37.84
N LYS A 183 16.71 24.19 -38.78
CA LYS A 183 15.70 23.53 -39.61
C LYS A 183 14.93 22.40 -38.92
N ALA A 184 15.63 21.60 -38.12
CA ALA A 184 15.07 20.40 -37.56
C ALA A 184 15.94 19.92 -36.41
N TYR A 185 15.36 19.13 -35.52
CA TYR A 185 16.11 18.45 -34.48
C TYR A 185 15.77 16.97 -34.45
N VAL A 186 16.81 16.11 -34.48
CA VAL A 186 16.64 14.66 -34.31
C VAL A 186 17.53 14.13 -33.22
N GLU A 187 16.97 13.20 -32.46
CA GLU A 187 17.69 12.51 -31.42
C GLU A 187 17.47 10.99 -31.52
N LEU A 188 18.54 10.24 -31.32
CA LEU A 188 18.43 8.81 -31.25
C LEU A 188 18.56 8.46 -29.79
N HIS A 189 17.57 7.74 -29.29
CA HIS A 189 17.53 7.32 -27.90
C HIS A 189 17.17 5.86 -27.77
N ILE A 190 17.52 5.25 -26.64
CA ILE A 190 17.00 3.92 -26.35
C ILE A 190 15.53 4.03 -26.00
N GLU A 191 14.73 3.01 -26.33
CA GLU A 191 13.31 3.03 -25.98
C GLU A 191 13.06 3.36 -24.51
N GLN A 192 13.79 2.71 -23.60
CA GLN A 192 13.51 2.83 -22.15
C GLN A 192 12.18 2.18 -21.76
N GLY A 193 11.82 1.14 -22.52
CA GLY A 193 10.56 0.43 -22.39
C GLY A 193 10.61 -0.88 -23.19
N ARG A 194 9.58 -1.71 -23.10
CA ARG A 194 9.66 -3.01 -23.73
C ARG A 194 8.90 -3.09 -25.04
N VAL A 195 8.33 -1.98 -25.49
CA VAL A 195 7.44 -2.01 -26.67
C VAL A 195 8.15 -2.60 -27.87
N LEU A 196 9.33 -2.09 -28.21
CA LEU A 196 10.13 -2.66 -29.34
C LEU A 196 10.55 -4.11 -29.13
N GLU A 197 10.93 -4.43 -27.89
CA GLU A 197 11.27 -5.81 -27.52
C GLU A 197 10.15 -6.81 -27.82
N GLU A 198 8.91 -6.51 -27.37
CA GLU A 198 7.76 -7.39 -27.60
C GLU A 198 7.24 -7.41 -29.06
N THR A 199 7.40 -6.28 -29.77
CA THR A 199 7.07 -6.20 -31.18
C THR A 199 8.01 -7.08 -31.98
N GLY A 200 9.30 -7.02 -31.65
CA GLY A 200 10.29 -7.86 -32.31
C GLY A 200 11.23 -7.02 -33.14
N LEU A 201 11.23 -5.72 -32.85
CA LEU A 201 11.91 -4.75 -33.71
C LEU A 201 13.06 -4.03 -33.00
N PRO A 202 14.13 -3.74 -33.76
CA PRO A 202 15.29 -3.05 -33.20
C PRO A 202 15.14 -1.53 -33.06
N VAL A 203 14.13 -0.97 -33.72
CA VAL A 203 14.07 0.48 -34.00
C VAL A 203 12.62 0.90 -34.16
N GLY A 204 12.36 2.19 -33.98
CA GLY A 204 11.01 2.71 -34.13
C GLY A 204 11.03 4.22 -34.08
N ILE A 205 9.94 4.81 -34.56
CA ILE A 205 9.84 6.24 -34.61
C ILE A 205 8.89 6.79 -33.56
N VAL A 206 9.45 7.60 -32.66
CA VAL A 206 8.69 8.28 -31.63
C VAL A 206 7.65 9.24 -32.20
N THR A 207 6.40 9.13 -31.75
CA THR A 207 5.27 9.99 -32.16
C THR A 207 5.04 11.24 -31.29
N GLY A 208 5.45 11.13 -30.02
CA GLY A 208 5.37 12.21 -29.02
C GLY A 208 5.48 11.73 -27.58
N ILE A 209 5.31 12.66 -26.63
CA ILE A 209 5.01 12.29 -25.24
C ILE A 209 3.52 12.48 -24.97
N ALA A 210 2.93 11.55 -24.25
CA ALA A 210 1.55 11.66 -23.86
C ALA A 210 1.28 12.86 -22.93
N GLY A 211 0.06 13.38 -22.98
CA GLY A 211 -0.44 14.29 -21.96
C GLY A 211 -0.77 13.52 -20.68
N LEU A 212 -0.76 14.24 -19.57
CA LEU A 212 -0.76 13.61 -18.26
C LEU A 212 -1.65 14.37 -17.28
N ILE A 213 -2.43 13.61 -16.52
CA ILE A 213 -3.05 14.14 -15.31
C ILE A 213 -2.75 13.23 -14.11
N TRP A 214 -2.63 13.84 -12.93
CA TRP A 214 -2.65 13.09 -11.69
C TRP A 214 -3.90 13.50 -10.90
N VAL A 215 -4.68 12.51 -10.45
CA VAL A 215 -5.89 12.78 -9.68
C VAL A 215 -5.89 11.92 -8.42
N LYS A 216 -5.97 12.58 -7.26
CA LYS A 216 -6.07 11.90 -5.99
C LYS A 216 -7.50 11.49 -5.70
N PHE A 217 -7.73 10.21 -5.42
CA PHE A 217 -9.03 9.75 -4.93
C PHE A 217 -8.88 9.56 -3.46
N THR A 218 -9.87 10.00 -2.71
CA THR A 218 -9.95 9.75 -1.29
C THR A 218 -11.33 9.15 -1.11
N ILE A 219 -11.35 7.88 -0.71
CA ILE A 219 -12.58 7.10 -0.54
C ILE A 219 -12.85 6.91 0.95
N GLU A 220 -14.00 7.36 1.44
CA GLU A 220 -14.31 7.28 2.88
C GLU A 220 -15.55 6.46 3.15
N GLY A 221 -15.41 5.50 4.06
CA GLY A 221 -16.51 4.68 4.55
C GLY A 221 -16.49 4.66 6.07
N LYS A 222 -16.74 3.51 6.67
CA LYS A 222 -16.83 3.43 8.12
C LYS A 222 -15.91 2.35 8.67
N ALA A 223 -14.94 2.78 9.50
CA ALA A 223 -14.04 1.87 10.20
C ALA A 223 -14.81 1.12 11.28
N GLU A 224 -14.76 -0.21 11.18
CA GLU A 224 -15.50 -1.09 12.08
C GLU A 224 -14.78 -2.42 12.23
N HIS A 225 -15.19 -3.22 13.21
CA HIS A 225 -14.56 -4.51 13.46
C HIS A 225 -14.80 -5.46 12.27
N ALA A 226 -13.72 -6.02 11.74
CA ALA A 226 -13.78 -6.85 10.55
C ALA A 226 -14.45 -8.20 10.80
N GLY A 227 -14.49 -8.60 12.07
CA GLY A 227 -15.08 -9.87 12.43
C GLY A 227 -16.53 -9.76 12.81
N ALA A 228 -16.87 -8.64 13.42
CA ALA A 228 -18.16 -8.49 14.04
C ALA A 228 -19.14 -7.78 13.13
N THR A 229 -18.65 -7.23 12.01
CA THR A 229 -19.52 -6.50 11.07
C THR A 229 -19.84 -7.40 9.87
N PRO A 230 -21.13 -7.79 9.71
CA PRO A 230 -21.60 -8.61 8.57
C PRO A 230 -21.42 -7.96 7.21
N MET A 231 -21.26 -8.78 6.17
CA MET A 231 -21.00 -8.24 4.87
C MET A 231 -22.10 -7.26 4.49
N SER A 232 -23.30 -7.49 4.99
CA SER A 232 -24.46 -6.72 4.57
C SER A 232 -24.71 -5.47 5.40
N LEU A 233 -23.74 -5.06 6.21
CA LEU A 233 -23.85 -3.81 6.96
C LEU A 233 -22.71 -2.85 6.76
N ARG A 234 -21.62 -3.34 6.21
CA ARG A 234 -20.38 -2.56 6.20
C ARG A 234 -20.37 -1.57 5.05
N ARG A 235 -19.39 -0.69 5.11
CA ARG A 235 -19.27 0.40 4.16
C ARG A 235 -17.78 0.56 3.91
N ASP A 236 -17.26 -0.37 3.10
CA ASP A 236 -15.83 -0.67 3.01
C ASP A 236 -15.09 0.11 1.92
N PRO A 237 -14.28 1.11 2.30
CA PRO A 237 -13.60 1.97 1.33
C PRO A 237 -12.58 1.20 0.49
N MET A 238 -11.91 0.22 1.07
CA MET A 238 -11.00 -0.61 0.29
C MET A 238 -11.75 -1.36 -0.79
N ALA A 239 -12.82 -2.05 -0.42
CA ALA A 239 -13.55 -2.80 -1.42
C ALA A 239 -13.98 -1.88 -2.54
N ALA A 240 -14.48 -0.71 -2.16
CA ALA A 240 -14.90 0.32 -3.11
C ALA A 240 -13.74 0.75 -3.98
N ALA A 241 -12.63 1.13 -3.34
CA ALA A 241 -11.44 1.53 -4.06
C ALA A 241 -11.01 0.45 -5.04
N ALA A 242 -11.11 -0.82 -4.63
CA ALA A 242 -10.65 -1.90 -5.48
C ALA A 242 -11.44 -1.85 -6.78
N GLN A 243 -12.75 -1.67 -6.64
CA GLN A 243 -13.62 -1.58 -7.80
C GLN A 243 -13.36 -0.34 -8.69
N ILE A 244 -13.04 0.82 -8.08
CA ILE A 244 -12.68 1.99 -8.86
C ILE A 244 -11.37 1.73 -9.63
N ILE A 245 -10.45 1.01 -9.00
CA ILE A 245 -9.17 0.73 -9.60
C ILE A 245 -9.35 -0.19 -10.79
N ILE A 246 -10.29 -1.14 -10.70
CA ILE A 246 -10.59 -2.02 -11.82
C ILE A 246 -11.17 -1.16 -12.90
N VAL A 247 -12.09 -0.29 -12.50
CA VAL A 247 -12.75 0.54 -13.50
C VAL A 247 -11.70 1.36 -14.29
N ILE A 248 -10.74 1.96 -13.58
CA ILE A 248 -9.66 2.72 -14.19
C ILE A 248 -9.06 1.88 -15.29
N GLU A 249 -8.73 0.64 -14.95
CA GLU A 249 -8.15 -0.20 -15.95
C GLU A 249 -9.07 -0.49 -17.10
N GLU A 250 -10.32 -0.84 -16.82
CA GLU A 250 -11.28 -1.16 -17.89
C GLU A 250 -11.37 -0.06 -18.96
N GLU A 251 -11.19 1.19 -18.54
CA GLU A 251 -11.49 2.33 -19.35
C GLU A 251 -10.23 2.80 -20.10
N ALA A 252 -9.06 2.64 -19.48
CA ALA A 252 -7.82 2.93 -20.19
C ALA A 252 -7.57 1.85 -21.24
N ARG A 253 -7.98 0.61 -20.96
CA ARG A 253 -7.86 -0.45 -21.96
CA ARG A 253 -7.87 -0.46 -21.96
C ARG A 253 -8.76 -0.16 -23.16
N ARG A 254 -9.94 0.40 -22.92
CA ARG A 254 -10.92 0.51 -23.99
CA ARG A 254 -10.97 0.59 -23.94
C ARG A 254 -10.45 1.31 -25.19
N THR A 255 -9.59 2.30 -25.00
CA THR A 255 -9.24 3.14 -26.13
C THR A 255 -8.10 2.58 -26.97
N GLY A 256 -7.30 1.70 -26.39
CA GLY A 256 -6.13 1.15 -27.08
C GLY A 256 -4.89 2.03 -26.93
N THR A 257 -5.13 3.32 -26.64
CA THR A 257 -4.09 4.33 -26.73
C THR A 257 -3.79 4.97 -25.39
N THR A 258 -4.74 4.87 -24.48
CA THR A 258 -4.64 5.42 -23.12
C THR A 258 -4.01 4.44 -22.13
N VAL A 259 -3.17 4.93 -21.24
CA VAL A 259 -2.71 4.15 -20.09
C VAL A 259 -3.02 4.88 -18.78
N GLY A 260 -3.53 4.10 -17.81
CA GLY A 260 -3.91 4.58 -16.48
C GLY A 260 -3.28 3.69 -15.40
N THR A 261 -2.71 4.34 -14.39
CA THR A 261 -1.87 3.65 -13.43
C THR A 261 -2.13 4.06 -11.98
N VAL A 262 -2.33 3.07 -11.10
CA VAL A 262 -2.27 3.35 -9.68
C VAL A 262 -1.06 2.66 -9.11
N GLY A 263 -0.17 3.47 -8.55
CA GLY A 263 1.11 2.96 -8.10
C GLY A 263 1.44 3.22 -6.66
N GLN A 264 0.54 3.92 -5.96
CA GLN A 264 0.60 4.10 -4.52
C GLN A 264 -0.81 4.04 -3.95
N LEU A 265 -0.94 3.50 -2.74
CA LEU A 265 -2.24 3.32 -2.13
C LEU A 265 -2.09 3.34 -0.61
N HIS A 266 -2.68 4.34 0.02
CA HIS A 266 -2.63 4.41 1.46
C HIS A 266 -3.93 3.99 2.10
N VAL A 267 -3.80 3.10 3.08
CA VAL A 267 -4.98 2.63 3.84
C VAL A 267 -4.94 3.23 5.25
N TYR A 268 -6.13 3.56 5.76
CA TYR A 268 -6.27 4.10 7.12
C TYR A 268 -7.43 3.42 7.84
N PRO A 269 -7.21 2.92 9.08
CA PRO A 269 -6.04 3.02 9.97
C PRO A 269 -4.90 2.04 9.66
N GLY A 270 -5.21 0.89 9.09
CA GLY A 270 -4.15 -0.01 8.70
C GLY A 270 -4.23 -1.42 9.22
N GLY A 271 -5.19 -1.71 10.10
CA GLY A 271 -5.28 -3.01 10.79
C GLY A 271 -5.83 -4.17 9.96
N ILE A 272 -5.27 -5.36 10.18
CA ILE A 272 -5.69 -6.54 9.45
C ILE A 272 -7.15 -6.86 9.79
N ASN A 273 -7.56 -6.57 11.03
CA ASN A 273 -8.96 -6.80 11.48
C ASN A 273 -9.84 -5.55 11.54
N VAL A 274 -9.44 -4.49 10.85
CA VAL A 274 -10.27 -3.30 10.76
C VAL A 274 -10.70 -2.94 9.32
N ILE A 275 -12.00 -3.03 9.04
CA ILE A 275 -12.55 -2.36 7.88
C ILE A 275 -12.03 -0.93 7.94
N PRO A 276 -11.38 -0.47 6.88
CA PRO A 276 -10.76 0.87 6.93
C PRO A 276 -11.78 2.01 6.99
N GLU A 277 -11.41 3.16 7.60
CA GLU A 277 -12.19 4.42 7.53
C GLU A 277 -11.95 5.14 6.20
N ARG A 278 -10.71 5.09 5.70
CA ARG A 278 -10.34 5.86 4.46
C ARG A 278 -9.26 5.18 3.60
N VAL A 279 -9.41 5.28 2.28
CA VAL A 279 -8.34 4.87 1.35
C VAL A 279 -7.96 6.02 0.40
N GLU A 280 -6.68 6.16 0.10
CA GLU A 280 -6.20 7.26 -0.75
C GLU A 280 -5.27 6.68 -1.78
N PHE A 281 -5.51 7.00 -3.04
CA PHE A 281 -4.57 6.62 -4.06
C PHE A 281 -4.57 7.67 -5.13
N VAL A 282 -3.54 7.59 -5.97
CA VAL A 282 -3.36 8.55 -7.03
C VAL A 282 -3.33 7.83 -8.36
N LEU A 283 -4.19 8.31 -9.26
CA LEU A 283 -4.30 7.77 -10.60
C LEU A 283 -3.44 8.59 -11.50
N ASP A 284 -2.43 7.96 -12.10
CA ASP A 284 -1.63 8.57 -13.17
C ASP A 284 -2.33 8.18 -14.47
N LEU A 285 -2.78 9.17 -15.22
CA LEU A 285 -3.51 8.94 -16.48
C LEU A 285 -2.92 9.66 -17.70
N ARG A 286 -2.67 8.93 -18.78
CA ARG A 286 -1.96 9.52 -19.91
C ARG A 286 -2.51 9.12 -21.27
N ASP A 287 -2.51 10.07 -22.20
CA ASP A 287 -2.84 9.81 -23.61
C ASP A 287 -2.19 10.90 -24.49
N LEU A 288 -1.95 10.59 -25.77
CA LEU A 288 -1.23 11.47 -26.68
C LEU A 288 -2.16 12.58 -27.18
N LYS A 289 -3.42 12.22 -27.34
CA LYS A 289 -4.45 13.17 -27.65
C LYS A 289 -5.11 13.58 -26.31
N ALA A 290 -4.89 14.82 -25.88
CA ALA A 290 -5.54 15.34 -24.69
C ALA A 290 -7.03 14.96 -24.69
N GLU A 291 -7.78 15.42 -25.70
CA GLU A 291 -9.21 15.16 -25.76
C GLU A 291 -9.51 13.70 -25.36
N VAL A 292 -8.73 12.76 -25.90
CA VAL A 292 -8.99 11.33 -25.68
C VAL A 292 -8.74 10.95 -24.22
N ARG A 293 -7.80 11.62 -23.53
CA ARG A 293 -7.60 11.35 -22.11
C ARG A 293 -8.68 12.01 -21.32
N ASP A 294 -8.92 13.29 -21.59
CA ASP A 294 -10.08 14.00 -21.03
C ASP A 294 -11.41 13.18 -21.11
N GLN A 295 -11.60 12.41 -22.18
CA GLN A 295 -12.76 11.53 -22.37
C GLN A 295 -12.71 10.30 -21.44
N VAL A 296 -11.50 9.82 -21.16
CA VAL A 296 -11.31 8.67 -20.27
C VAL A 296 -11.48 9.04 -18.76
N TRP A 297 -10.98 10.23 -18.39
CA TRP A 297 -11.24 10.76 -17.08
C TRP A 297 -12.72 10.96 -16.81
N LYS A 298 -13.49 11.42 -17.81
CA LYS A 298 -14.91 11.62 -17.56
C LYS A 298 -15.54 10.25 -17.30
N ALA A 299 -15.20 9.29 -18.15
CA ALA A 299 -15.73 7.94 -18.01
C ALA A 299 -15.40 7.28 -16.65
N ILE A 300 -14.18 7.51 -16.14
CA ILE A 300 -13.79 7.00 -14.83
C ILE A 300 -14.64 7.69 -13.75
N ALA A 301 -14.65 9.01 -13.83
CA ALA A 301 -15.19 9.87 -12.79
C ALA A 301 -16.66 9.56 -12.53
N VAL A 302 -17.37 9.24 -13.61
CA VAL A 302 -18.79 8.99 -13.58
C VAL A 302 -19.05 7.62 -12.98
N ARG A 303 -18.31 6.62 -13.44
CA ARG A 303 -18.44 5.29 -12.84
C ARG A 303 -18.08 5.29 -11.34
N ALA A 304 -17.00 5.99 -11.00
CA ALA A 304 -16.63 6.24 -9.60
C ALA A 304 -17.79 6.76 -8.76
N GLU A 305 -18.44 7.84 -9.22
CA GLU A 305 -19.66 8.44 -8.64
CA GLU A 305 -19.61 8.39 -8.52
C GLU A 305 -20.81 7.44 -8.48
N THR A 306 -20.97 6.61 -9.50
CA THR A 306 -22.03 5.60 -9.54
C THR A 306 -21.78 4.54 -8.50
N ILE A 307 -20.53 4.16 -8.35
CA ILE A 307 -20.11 3.25 -7.34
C ILE A 307 -20.20 3.92 -5.94
N ALA A 308 -19.74 5.16 -5.81
CA ALA A 308 -19.90 5.85 -4.54
C ALA A 308 -21.35 5.69 -4.05
N LYS A 309 -22.31 5.92 -4.95
CA LYS A 309 -23.71 6.01 -4.54
C LYS A 309 -24.18 4.62 -4.16
N GLU A 310 -23.87 3.63 -4.99
CA GLU A 310 -24.22 2.21 -4.72
C GLU A 310 -23.70 1.63 -3.38
N ARG A 311 -22.50 2.00 -2.99
CA ARG A 311 -21.84 1.38 -1.86
C ARG A 311 -22.00 2.20 -0.62
N ASN A 312 -22.65 3.35 -0.77
CA ASN A 312 -22.77 4.35 0.29
C ASN A 312 -21.42 4.75 0.90
N VAL A 313 -20.48 5.14 0.05
CA VAL A 313 -19.20 5.70 0.49
C VAL A 313 -18.96 7.02 -0.23
N ARG A 314 -17.95 7.75 0.24
CA ARG A 314 -17.66 9.06 -0.26
C ARG A 314 -16.35 9.05 -1.07
N VAL A 315 -16.43 9.45 -2.35
CA VAL A 315 -15.23 9.61 -3.17
C VAL A 315 -15.00 11.07 -3.56
N THR A 316 -13.82 11.57 -3.24
CA THR A 316 -13.50 12.93 -3.60
C THR A 316 -12.27 12.92 -4.50
N THR A 317 -12.44 13.38 -5.72
CA THR A 317 -11.33 13.47 -6.64
C THR A 317 -10.66 14.83 -6.60
N GLU A 318 -9.41 14.88 -7.03
CA GLU A 318 -8.64 16.12 -6.93
C GLU A 318 -7.47 16.12 -7.89
N ARG A 319 -7.54 16.97 -8.92
CA ARG A 319 -6.46 17.11 -9.92
C ARG A 319 -5.21 17.66 -9.26
N LEU A 320 -4.13 16.89 -9.24
CA LEU A 320 -2.88 17.36 -8.65
C LEU A 320 -1.99 18.13 -9.65
N GLN A 321 -1.97 17.66 -10.92
CA GLN A 321 -1.07 18.16 -11.94
C GLN A 321 -1.66 17.86 -13.28
N GLU A 322 -1.42 18.75 -14.25
CA GLU A 322 -1.88 18.54 -15.62
C GLU A 322 -0.76 18.98 -16.56
N MET A 323 -0.49 18.14 -17.56
CA MET A 323 0.52 18.44 -18.59
CA MET A 323 0.52 18.43 -18.59
C MET A 323 -0.02 18.14 -19.99
N PRO A 324 0.23 19.03 -20.97
CA PRO A 324 -0.19 18.75 -22.32
C PRO A 324 0.73 17.74 -23.01
N PRO A 325 0.23 17.08 -24.10
CA PRO A 325 1.08 16.23 -24.92
C PRO A 325 2.05 17.12 -25.65
N VAL A 326 3.14 16.55 -26.13
CA VAL A 326 3.93 17.24 -27.14
C VAL A 326 4.30 16.26 -28.22
N LEU A 327 3.81 16.55 -29.41
CA LEU A 327 3.95 15.73 -30.59
C LEU A 327 5.30 15.98 -31.24
N CYS A 328 5.76 14.97 -31.97
CA CYS A 328 6.89 15.11 -32.85
C CYS A 328 6.33 15.54 -34.17
N SER A 329 7.01 16.52 -34.78
CA SER A 329 6.60 17.17 -36.03
C SER A 329 6.64 16.23 -37.23
N ASP A 330 5.63 16.35 -38.10
CA ASP A 330 5.51 15.50 -39.30
C ASP A 330 6.78 15.47 -40.19
N GLU A 331 7.50 16.59 -40.27
CA GLU A 331 8.68 16.69 -41.11
C GLU A 331 9.74 15.69 -40.70
N VAL A 332 9.97 15.59 -39.39
CA VAL A 332 10.99 14.67 -38.91
C VAL A 332 10.43 13.25 -39.08
N LYS A 333 9.14 13.13 -38.83
CA LYS A 333 8.48 11.85 -38.87
C LYS A 333 8.54 11.25 -40.26
N ARG A 334 8.29 12.08 -41.27
CA ARG A 334 8.36 11.63 -42.65
C ARG A 334 9.81 11.18 -42.97
N ALA A 335 10.78 11.95 -42.46
CA ALA A 335 12.19 11.63 -42.67
C ALA A 335 12.58 10.26 -42.11
N ALA A 336 12.30 10.04 -40.82
CA ALA A 336 12.52 8.74 -40.22
C ALA A 336 11.74 7.66 -40.98
N GLU A 337 10.50 7.98 -41.38
CA GLU A 337 9.66 7.09 -42.21
C GLU A 337 10.47 6.65 -43.41
N ALA A 338 10.85 7.61 -44.26
CA ALA A 338 11.72 7.34 -45.42
C ALA A 338 13.03 6.57 -45.06
N ALA A 339 13.66 6.94 -43.93
CA ALA A 339 14.88 6.25 -43.50
C ALA A 339 14.65 4.73 -43.34
N CYS A 340 13.54 4.37 -42.71
CA CYS A 340 13.24 2.95 -42.49
C CYS A 340 12.92 2.22 -43.79
N GLN A 341 12.12 2.82 -44.66
CA GLN A 341 11.77 2.20 -45.94
C GLN A 341 13.04 1.93 -46.79
N LYS A 342 13.94 2.91 -46.86
CA LYS A 342 15.20 2.77 -47.59
C LYS A 342 16.03 1.55 -47.19
N LEU A 343 16.02 1.25 -45.89
CA LEU A 343 16.86 0.21 -45.31
C LEU A 343 16.17 -1.13 -45.20
N GLY A 344 14.89 -1.18 -45.59
CA GLY A 344 14.09 -2.39 -45.44
C GLY A 344 13.46 -2.63 -44.08
N TYR A 345 13.55 -1.67 -43.15
CA TYR A 345 12.92 -1.76 -41.84
C TYR A 345 11.47 -1.31 -41.92
N PRO A 346 10.56 -2.08 -41.29
CA PRO A 346 9.19 -1.61 -41.17
C PRO A 346 9.19 -0.43 -40.25
N SER A 347 8.39 0.58 -40.54
CA SER A 347 8.28 1.69 -39.63
C SER A 347 7.26 1.37 -38.53
N PHE A 348 7.67 1.57 -37.27
CA PHE A 348 6.83 1.31 -36.10
C PHE A 348 6.72 2.55 -35.21
N TRP A 349 5.50 3.03 -35.00
CA TRP A 349 5.26 4.25 -34.21
C TRP A 349 5.02 4.05 -32.70
N LEU A 350 5.61 4.89 -31.87
CA LEU A 350 5.35 4.77 -30.45
C LEU A 350 5.59 6.06 -29.67
N PRO A 351 4.83 6.26 -28.59
CA PRO A 351 5.10 7.43 -27.78
C PRO A 351 6.35 7.18 -26.98
N SER A 352 7.00 8.26 -26.50
CA SER A 352 8.05 8.15 -25.50
C SER A 352 7.40 8.29 -24.12
N GLY A 353 7.82 7.48 -23.15
CA GLY A 353 7.27 7.56 -21.79
C GLY A 353 7.71 8.84 -21.10
N ALA A 354 8.95 9.24 -21.36
CA ALA A 354 9.56 10.39 -20.74
C ALA A 354 9.74 11.57 -21.75
N ALA A 355 9.99 12.75 -21.19
CA ALA A 355 10.45 13.90 -21.98
C ALA A 355 11.96 13.78 -22.21
N HIS A 356 12.42 14.27 -23.36
CA HIS A 356 13.86 14.39 -23.64
C HIS A 356 14.20 15.81 -24.06
N ASP A 357 15.48 16.08 -24.32
CA ASP A 357 15.95 17.40 -24.81
C ASP A 357 15.12 17.99 -25.95
N SER A 358 14.44 17.12 -26.70
CA SER A 358 13.69 17.58 -27.86
C SER A 358 12.41 18.34 -27.48
N VAL A 359 11.90 18.08 -26.27
CA VAL A 359 10.71 18.78 -25.79
C VAL A 359 11.08 20.25 -25.71
N GLN A 360 12.20 20.49 -25.05
CA GLN A 360 12.69 21.84 -24.80
C GLN A 360 13.04 22.53 -26.13
N LEU A 361 13.08 21.76 -27.23
CA LEU A 361 13.38 22.32 -28.53
C LEU A 361 12.18 22.67 -29.41
N ALA A 362 10.99 22.20 -29.02
CA ALA A 362 9.77 22.37 -29.82
C ALA A 362 9.42 23.81 -30.24
N PRO A 363 9.62 24.80 -29.34
CA PRO A 363 9.34 26.17 -29.78
C PRO A 363 10.14 26.61 -31.01
N ILE A 364 11.43 26.32 -31.02
CA ILE A 364 12.29 26.85 -32.08
C ILE A 364 12.37 26.03 -33.37
N CYS A 365 12.03 24.75 -33.34
CA CYS A 365 12.06 23.99 -34.61
C CYS A 365 11.24 22.70 -34.63
N PRO A 366 11.01 22.14 -35.85
CA PRO A 366 10.54 20.73 -35.90
C PRO A 366 11.50 19.74 -35.19
N ILE A 367 10.91 18.81 -34.43
CA ILE A 367 11.63 17.82 -33.67
C ILE A 367 11.10 16.40 -33.97
N GLY A 368 11.89 15.39 -33.64
CA GLY A 368 11.46 14.01 -33.80
C GLY A 368 12.47 13.18 -33.05
N MET A 369 12.20 11.89 -32.90
CA MET A 369 13.19 10.99 -32.30
C MET A 369 13.12 9.61 -32.90
N ILE A 370 14.22 8.87 -32.76
CA ILE A 370 14.19 7.46 -33.11
C ILE A 370 14.53 6.65 -31.88
N PHE A 371 13.78 5.58 -31.66
CA PHE A 371 14.03 4.70 -30.53
C PHE A 371 14.72 3.46 -30.99
N VAL A 372 15.65 3.00 -30.18
CA VAL A 372 16.16 1.63 -30.31
C VAL A 372 15.70 0.73 -29.16
N ARG A 373 15.43 -0.52 -29.52
CA ARG A 373 15.10 -1.60 -28.60
C ARG A 373 16.04 -1.68 -27.38
N SER A 374 15.43 -1.61 -26.18
CA SER A 374 16.07 -1.72 -24.87
C SER A 374 15.88 -3.13 -24.29
N GLN A 375 16.96 -3.74 -23.82
CA GLN A 375 16.83 -5.10 -23.31
C GLN A 375 16.01 -5.08 -22.04
N ASP A 376 14.83 -5.68 -22.11
CA ASP A 376 13.92 -5.82 -20.96
C ASP A 376 13.41 -4.48 -20.47
N GLY A 377 13.42 -3.49 -21.35
CA GLY A 377 12.91 -2.16 -21.02
C GLY A 377 13.71 -1.40 -19.97
N VAL A 378 14.67 -2.07 -19.35
CA VAL A 378 15.33 -1.54 -18.16
C VAL A 378 16.16 -0.29 -18.50
N SER A 379 16.15 0.67 -17.60
CA SER A 379 16.95 1.85 -17.76
C SER A 379 17.26 2.53 -16.43
N HIS A 380 18.11 3.56 -16.51
CA HIS A 380 18.42 4.44 -15.40
C HIS A 380 18.97 3.63 -14.25
N SER A 381 19.61 2.53 -14.66
CA SER A 381 20.34 1.62 -13.79
C SER A 381 21.40 0.88 -14.65
N PRO A 382 22.42 0.30 -14.01
CA PRO A 382 23.48 -0.43 -14.76
C PRO A 382 23.04 -1.71 -15.49
N ALA A 383 21.81 -2.14 -15.29
CA ALA A 383 21.33 -3.32 -16.00
C ALA A 383 21.00 -2.91 -17.44
N GLU A 384 21.00 -1.59 -17.65
CA GLU A 384 20.63 -0.94 -18.90
C GLU A 384 21.45 -1.44 -20.05
N TRP A 385 20.78 -2.00 -21.05
CA TRP A 385 21.51 -2.61 -22.15
C TRP A 385 20.85 -2.52 -23.52
N SER A 386 21.66 -2.15 -24.50
CA SER A 386 21.30 -2.27 -25.92
C SER A 386 22.32 -3.06 -26.76
N THR A 387 21.85 -3.87 -27.72
CA THR A 387 22.77 -4.70 -28.51
C THR A 387 23.50 -3.90 -29.58
N LYS A 388 24.76 -4.26 -29.80
CA LYS A 388 25.60 -3.62 -30.82
C LYS A 388 24.81 -3.48 -32.11
N GLU A 389 24.17 -4.58 -32.51
CA GLU A 389 23.41 -4.65 -33.72
C GLU A 389 22.26 -3.64 -33.73
N ASP A 390 21.47 -3.67 -32.66
CA ASP A 390 20.39 -2.75 -32.47
C ASP A 390 20.89 -1.31 -32.58
N CYS A 391 21.96 -0.99 -31.85
CA CYS A 391 22.54 0.35 -31.95
C CYS A 391 22.90 0.77 -33.40
N ALA A 392 23.53 -0.14 -34.13
CA ALA A 392 23.92 0.12 -35.51
C ALA A 392 22.68 0.37 -36.35
N ALA A 393 21.67 -0.46 -36.15
CA ALA A 393 20.40 -0.31 -36.83
C ALA A 393 19.81 1.10 -36.63
N GLY A 394 19.85 1.59 -35.39
CA GLY A 394 19.29 2.90 -35.04
C GLY A 394 20.07 3.96 -35.76
N ALA A 395 21.39 3.88 -35.61
CA ALA A 395 22.31 4.82 -36.20
C ALA A 395 22.20 4.86 -37.74
N GLU A 396 22.08 3.70 -38.38
CA GLU A 396 21.85 3.67 -39.83
C GLU A 396 20.52 4.38 -40.15
N VAL A 397 19.50 4.22 -39.31
CA VAL A 397 18.23 4.89 -39.59
C VAL A 397 18.39 6.39 -39.38
N LEU A 398 19.19 6.74 -38.37
CA LEU A 398 19.46 8.12 -38.01
C LEU A 398 20.19 8.78 -39.16
N TYR A 399 21.09 8.00 -39.78
CA TYR A 399 21.91 8.50 -40.87
C TYR A 399 21.04 9.07 -41.92
N HIS A 400 20.21 8.23 -42.55
CA HIS A 400 19.32 8.66 -43.64
C HIS A 400 18.23 9.63 -43.21
N THR A 401 17.94 9.68 -41.91
CA THR A 401 17.00 10.67 -41.43
C THR A 401 17.70 12.01 -41.53
N VAL A 402 18.86 12.12 -40.88
CA VAL A 402 19.70 13.31 -40.99
C VAL A 402 19.93 13.71 -42.45
N TRP A 403 20.14 12.73 -43.33
CA TRP A 403 20.41 13.03 -44.73
C TRP A 403 19.21 13.72 -45.39
N GLN A 404 18.01 13.19 -45.19
CA GLN A 404 16.82 13.71 -45.81
C GLN A 404 16.53 15.11 -45.31
N LEU A 405 16.85 15.35 -44.06
CA LEU A 405 16.53 16.62 -43.44
C LEU A 405 17.54 17.68 -43.81
N ALA A 406 18.63 17.26 -44.41
CA ALA A 406 19.68 18.22 -44.73
C ALA A 406 19.64 18.62 -46.21
N GLN A 407 18.61 18.17 -46.90
CA GLN A 407 18.41 18.51 -48.30
C GLN A 407 17.78 19.90 -48.41
N GLY A 408 18.06 20.58 -49.53
CA GLY A 408 17.44 21.87 -49.87
C GLY A 408 16.46 21.75 -51.03
N GLN B 3 -31.93 2.20 37.70
CA GLN B 3 -31.94 0.92 36.91
C GLN B 3 -30.56 0.41 36.50
N GLY B 4 -30.01 -0.52 37.24
CA GLY B 4 -28.65 -0.95 37.02
C GLY B 4 -27.70 0.14 37.43
N GLU B 5 -28.00 0.81 38.54
CA GLU B 5 -27.19 1.90 39.08
C GLU B 5 -25.81 1.48 39.51
N ARG B 6 -25.76 0.62 40.53
CA ARG B 6 -24.51 0.15 41.08
C ARG B 6 -23.56 -0.31 39.97
N LEU B 7 -24.08 -1.04 38.99
CA LEU B 7 -23.23 -1.52 37.91
C LEU B 7 -22.72 -0.34 37.11
N TRP B 8 -23.60 0.61 36.82
CA TRP B 8 -23.20 1.73 35.97
C TRP B 8 -22.20 2.60 36.69
N GLN B 9 -22.43 2.79 37.97
CA GLN B 9 -21.58 3.63 38.78
C GLN B 9 -20.19 3.02 38.86
N ARG B 10 -20.11 1.70 38.82
CA ARG B 10 -18.81 1.03 38.91
C ARG B 10 -18.02 1.11 37.60
N LEU B 11 -18.75 1.08 36.51
CA LEU B 11 -18.18 1.23 35.21
C LEU B 11 -17.61 2.63 35.05
N MET B 12 -18.38 3.64 35.46
CA MET B 12 -17.88 5.00 35.40
C MET B 12 -16.62 5.15 36.27
N GLU B 13 -16.67 4.62 37.49
CA GLU B 13 -15.56 4.73 38.42
C GLU B 13 -14.30 4.02 37.91
N LEU B 14 -14.45 2.77 37.48
CA LEU B 14 -13.32 2.05 36.94
C LEU B 14 -12.77 2.74 35.72
N GLY B 15 -13.67 3.35 34.95
CA GLY B 15 -13.30 4.09 33.75
C GLY B 15 -12.35 5.23 34.02
N GLU B 16 -12.19 5.59 35.29
CA GLU B 16 -11.25 6.66 35.60
C GLU B 16 -9.81 6.14 35.62
N VAL B 17 -9.64 4.84 35.79
CA VAL B 17 -8.33 4.29 36.01
C VAL B 17 -7.62 4.10 34.69
N GLY B 18 -6.62 4.94 34.47
CA GLY B 18 -5.93 4.99 33.19
C GLY B 18 -6.69 5.73 32.10
N LYS B 19 -7.67 6.56 32.48
CA LYS B 19 -8.38 7.42 31.55
C LYS B 19 -7.37 8.34 30.87
N GLN B 20 -7.59 8.59 29.58
CA GLN B 20 -6.74 9.46 28.80
C GLN B 20 -7.35 10.85 28.70
N PRO B 21 -6.63 11.82 28.11
CA PRO B 21 -7.36 13.05 27.85
C PRO B 21 -8.51 12.84 26.89
N SER B 22 -8.41 11.82 26.04
CA SER B 22 -9.49 11.46 25.09
C SER B 22 -10.79 10.97 25.72
N GLY B 23 -10.73 10.52 26.98
CA GLY B 23 -11.90 9.89 27.59
C GLY B 23 -11.77 8.38 27.54
N GLY B 24 -10.98 7.87 26.59
CA GLY B 24 -10.69 6.44 26.50
C GLY B 24 -9.75 5.95 27.58
N VAL B 25 -9.47 4.65 27.60
CA VAL B 25 -8.54 4.13 28.60
C VAL B 25 -7.37 3.33 28.03
N THR B 26 -6.30 3.29 28.82
CA THR B 26 -5.15 2.45 28.51
C THR B 26 -4.70 1.79 29.80
N ARG B 27 -4.87 0.47 29.84
CA ARG B 27 -4.36 -0.37 30.94
C ARG B 27 -3.70 -1.58 30.36
N LEU B 28 -2.38 -1.56 30.40
CA LEU B 28 -1.61 -2.69 29.93
C LEU B 28 -1.42 -3.60 31.12
N SER B 29 -1.29 -4.90 30.85
CA SER B 29 -0.97 -5.86 31.87
C SER B 29 0.32 -5.46 32.60
N PHE B 30 0.35 -5.75 33.91
CA PHE B 30 1.57 -5.63 34.70
C PHE B 30 2.03 -4.17 34.71
N THR B 31 1.08 -3.30 34.97
CA THR B 31 1.35 -1.90 35.08
C THR B 31 0.64 -1.45 36.36
N ALA B 32 1.00 -0.28 36.86
CA ALA B 32 0.35 0.27 38.04
C ALA B 32 -1.13 0.50 37.81
N GLU B 33 -1.49 0.88 36.58
CA GLU B 33 -2.88 1.13 36.22
C GLU B 33 -3.73 -0.12 36.30
N GLU B 34 -3.33 -1.21 35.62
CA GLU B 34 -4.14 -2.44 35.78
C GLU B 34 -4.15 -2.89 37.25
N ARG B 35 -3.06 -2.63 37.95
CA ARG B 35 -3.02 -2.94 39.36
C ARG B 35 -4.05 -2.16 40.12
N ARG B 36 -4.14 -0.86 39.85
CA ARG B 36 -5.15 -0.04 40.50
C ARG B 36 -6.53 -0.62 40.17
N ALA B 37 -6.72 -1.00 38.91
CA ALA B 37 -7.99 -1.56 38.43
C ALA B 37 -8.35 -2.84 39.14
N LYS B 38 -7.37 -3.74 39.23
CA LYS B 38 -7.55 -5.05 39.87
CA LYS B 38 -7.59 -5.03 39.87
C LYS B 38 -8.01 -4.86 41.32
N ASP B 39 -7.38 -3.91 42.03
CA ASP B 39 -7.65 -3.65 43.47
C ASP B 39 -9.00 -2.99 43.63
N LEU B 40 -9.35 -2.14 42.68
CA LEU B 40 -10.62 -1.53 42.75
C LEU B 40 -11.71 -2.58 42.55
N VAL B 41 -11.55 -3.44 41.56
CA VAL B 41 -12.58 -4.47 41.32
C VAL B 41 -12.65 -5.40 42.54
N ALA B 42 -11.47 -5.74 43.07
CA ALA B 42 -11.32 -6.52 44.30
C ALA B 42 -12.07 -5.98 45.49
N SER B 43 -12.18 -4.65 45.58
CA SER B 43 -12.91 -4.03 46.70
C SER B 43 -14.41 -4.22 46.51
N TYR B 44 -14.83 -4.34 45.25
CA TYR B 44 -16.23 -4.62 44.89
C TYR B 44 -16.51 -6.11 45.18
N MET B 45 -15.49 -6.93 44.98
CA MET B 45 -15.58 -8.35 45.29
C MET B 45 -15.74 -8.54 46.81
N ARG B 46 -14.97 -7.81 47.60
CA ARG B 46 -15.18 -7.89 49.04
C ARG B 46 -16.58 -7.44 49.42
N GLU B 47 -17.05 -6.34 48.83
CA GLU B 47 -18.31 -5.78 49.25
C GLU B 47 -19.41 -6.84 49.08
N ALA B 48 -19.28 -7.64 48.02
CA ALA B 48 -20.22 -8.70 47.63
C ALA B 48 -20.14 -9.95 48.52
N GLY B 49 -19.19 -9.96 49.46
CA GLY B 49 -19.00 -11.13 50.34
C GLY B 49 -18.13 -12.23 49.76
N LEU B 50 -17.51 -11.96 48.61
CA LEU B 50 -16.68 -12.95 47.96
C LEU B 50 -15.36 -13.25 48.68
N PHE B 51 -14.81 -14.41 48.38
CA PHE B 51 -13.47 -14.78 48.79
C PHE B 51 -12.56 -14.41 47.62
N VAL B 52 -11.59 -13.54 47.87
CA VAL B 52 -10.76 -12.95 46.81
C VAL B 52 -9.35 -13.51 46.76
N TYR B 53 -8.95 -13.98 45.59
CA TYR B 53 -7.58 -14.37 45.34
C TYR B 53 -7.16 -14.16 43.91
N GLU B 54 -5.84 -14.08 43.73
CA GLU B 54 -5.21 -14.07 42.39
C GLU B 54 -4.47 -15.37 42.22
N ASP B 55 -4.58 -15.97 41.05
CA ASP B 55 -3.80 -17.14 40.76
C ASP B 55 -2.35 -16.85 40.31
N ALA B 56 -1.72 -17.92 39.82
CA ALA B 56 -0.36 -17.93 39.36
C ALA B 56 -0.19 -17.14 38.08
N ALA B 57 -1.28 -16.95 37.32
CA ALA B 57 -1.22 -16.14 36.13
C ALA B 57 -1.62 -14.66 36.33
N GLY B 58 -1.91 -14.27 37.58
CA GLY B 58 -2.36 -12.90 37.91
C GLY B 58 -3.87 -12.67 37.79
N ASN B 59 -4.61 -13.67 37.27
CA ASN B 59 -6.06 -13.71 37.25
C ASN B 59 -6.69 -13.40 38.57
N LEU B 60 -7.74 -12.59 38.57
CA LEU B 60 -8.34 -12.12 39.82
C LEU B 60 -9.66 -12.80 40.01
N ILE B 61 -9.85 -13.41 41.17
CA ILE B 61 -11.02 -14.27 41.36
C ILE B 61 -11.84 -13.95 42.61
N GLY B 62 -13.16 -13.92 42.46
CA GLY B 62 -14.03 -13.81 43.59
C GLY B 62 -14.91 -15.02 43.75
N ARG B 63 -14.78 -15.70 44.90
CA ARG B 63 -15.56 -16.92 45.14
C ARG B 63 -16.70 -16.74 46.10
N LYS B 64 -17.84 -17.24 45.64
CA LYS B 64 -19.04 -17.35 46.44
C LYS B 64 -19.35 -18.84 46.56
N GLU B 65 -19.35 -19.33 47.80
CA GLU B 65 -19.49 -20.75 48.07
C GLU B 65 -20.91 -21.22 47.74
N GLY B 66 -20.99 -22.45 47.25
CA GLY B 66 -22.27 -23.13 47.05
C GLY B 66 -22.51 -24.04 48.24
N THR B 67 -23.74 -24.55 48.33
CA THR B 67 -24.17 -25.46 49.40
C THR B 67 -23.49 -26.82 49.36
N ASN B 68 -22.65 -27.01 48.36
CA ASN B 68 -21.85 -28.20 48.29
C ASN B 68 -20.46 -27.70 48.05
N PRO B 69 -19.63 -27.64 49.11
CA PRO B 69 -18.29 -27.08 48.89
C PRO B 69 -17.49 -27.85 47.83
N ASP B 70 -17.87 -29.09 47.51
CA ASP B 70 -17.07 -29.86 46.55
C ASP B 70 -17.66 -29.83 45.14
N ALA B 71 -18.71 -29.02 44.95
CA ALA B 71 -19.38 -28.97 43.65
C ALA B 71 -18.54 -28.21 42.60
N THR B 72 -18.71 -28.63 41.37
CA THR B 72 -18.01 -28.11 40.25
C THR B 72 -18.41 -26.61 40.01
N VAL B 73 -17.44 -25.79 39.55
CA VAL B 73 -17.56 -24.30 39.52
C VAL B 73 -18.18 -23.67 38.25
N VAL B 74 -19.08 -22.70 38.46
CA VAL B 74 -19.61 -21.89 37.39
C VAL B 74 -18.79 -20.61 37.30
N LEU B 75 -18.18 -20.38 36.15
CA LEU B 75 -17.27 -19.28 36.01
C LEU B 75 -17.86 -18.16 35.20
N VAL B 76 -17.85 -16.94 35.76
CA VAL B 76 -18.25 -15.76 34.99
C VAL B 76 -17.12 -14.78 34.99
N GLY B 77 -16.66 -14.43 33.81
CA GLY B 77 -15.73 -13.32 33.78
C GLY B 77 -15.60 -12.58 32.46
N SER B 78 -14.45 -11.93 32.37
CA SER B 78 -14.06 -11.12 31.25
C SER B 78 -12.71 -10.52 31.63
N HIS B 79 -12.38 -9.32 31.17
CA HIS B 79 -11.03 -8.84 31.43
C HIS B 79 -11.01 -7.38 31.89
N LEU B 80 -9.90 -6.96 32.48
CA LEU B 80 -9.76 -5.58 32.94
C LEU B 80 -8.82 -4.73 32.08
N ASP B 81 -7.90 -5.37 31.38
CA ASP B 81 -6.95 -4.65 30.54
C ASP B 81 -7.62 -4.08 29.29
N SER B 82 -7.02 -3.08 28.67
CA SER B 82 -7.56 -2.53 27.42
C SER B 82 -6.50 -2.47 26.35
N VAL B 83 -6.94 -2.20 25.12
CA VAL B 83 -6.07 -1.72 24.06
C VAL B 83 -5.68 -0.24 24.33
N TYR B 84 -4.95 0.41 23.43
CA TYR B 84 -4.41 1.74 23.72
C TYR B 84 -5.40 2.88 23.97
N ASN B 85 -6.24 3.19 23.04
CA ASN B 85 -7.13 4.27 23.39
C ASN B 85 -8.44 3.60 23.35
N GLY B 86 -8.70 2.81 24.38
CA GLY B 86 -9.85 1.93 24.37
C GLY B 86 -11.06 2.51 25.05
N GLY B 87 -12.16 1.74 25.03
CA GLY B 87 -13.41 2.15 25.69
C GLY B 87 -13.42 1.61 27.10
N CYS B 88 -14.46 1.90 27.84
CA CYS B 88 -14.48 1.43 29.20
C CYS B 88 -15.59 0.40 29.42
N PHE B 89 -16.05 -0.23 28.34
CA PHE B 89 -17.07 -1.28 28.42
C PHE B 89 -16.55 -2.67 28.02
N ASP B 90 -15.62 -2.70 27.07
CA ASP B 90 -15.04 -3.96 26.61
C ASP B 90 -14.10 -4.49 27.68
N GLY B 91 -14.56 -5.47 28.46
CA GLY B 91 -13.80 -5.96 29.58
C GLY B 91 -14.62 -5.84 30.83
N PRO B 92 -14.75 -4.62 31.35
CA PRO B 92 -15.39 -4.47 32.62
C PRO B 92 -16.86 -4.84 32.67
N LEU B 93 -17.61 -4.64 31.58
CA LEU B 93 -19.00 -5.08 31.58
C LEU B 93 -19.10 -6.51 32.12
N GLY B 94 -18.38 -7.42 31.50
CA GLY B 94 -18.45 -8.80 31.91
C GLY B 94 -18.05 -9.01 33.35
N VAL B 95 -16.98 -8.35 33.77
CA VAL B 95 -16.44 -8.55 35.10
C VAL B 95 -17.40 -7.94 36.08
N LEU B 96 -17.74 -6.68 35.87
CA LEU B 96 -18.55 -5.96 36.83
C LEU B 96 -19.92 -6.55 36.88
N ALA B 97 -20.48 -6.97 35.74
CA ALA B 97 -21.77 -7.64 35.78
C ALA B 97 -21.62 -8.97 36.53
N GLY B 98 -20.47 -9.62 36.36
CA GLY B 98 -20.22 -10.82 37.11
C GLY B 98 -20.37 -10.52 38.59
N VAL B 99 -19.73 -9.46 39.06
CA VAL B 99 -19.77 -9.18 40.47
C VAL B 99 -21.22 -8.89 40.87
N GLU B 100 -21.83 -8.00 40.10
CA GLU B 100 -23.22 -7.64 40.26
C GLU B 100 -24.10 -8.88 40.46
N VAL B 101 -23.83 -9.94 39.70
CA VAL B 101 -24.67 -11.11 39.80
C VAL B 101 -24.55 -11.76 41.17
N VAL B 102 -23.32 -12.05 41.59
CA VAL B 102 -23.15 -12.71 42.90
C VAL B 102 -23.61 -11.86 44.09
N GLN B 103 -23.35 -10.56 44.04
CA GLN B 103 -23.63 -9.69 45.16
C GLN B 103 -25.14 -9.51 45.37
N THR B 104 -25.86 -9.53 44.26
CA THR B 104 -27.31 -9.57 44.30
C THR B 104 -27.73 -10.84 45.05
N MET B 105 -27.21 -11.99 44.60
CA MET B 105 -27.46 -13.25 45.31
C MET B 105 -27.19 -13.19 46.84
N ASN B 106 -26.04 -12.68 47.23
CA ASN B 106 -25.76 -12.56 48.67
C ASN B 106 -26.67 -11.61 49.44
N GLU B 107 -27.04 -10.49 48.83
CA GLU B 107 -27.92 -9.50 49.43
C GLU B 107 -29.34 -10.02 49.61
N HIS B 108 -29.74 -10.95 48.75
CA HIS B 108 -31.07 -11.47 48.82
C HIS B 108 -31.09 -12.87 49.40
N GLY B 109 -29.98 -13.27 50.00
CA GLY B 109 -29.80 -14.58 50.61
C GLY B 109 -30.15 -15.68 49.63
N VAL B 110 -29.43 -15.75 48.52
CA VAL B 110 -29.70 -16.76 47.56
C VAL B 110 -28.52 -17.67 47.51
N VAL B 111 -28.83 -18.96 47.58
CA VAL B 111 -27.92 -20.06 47.77
CA VAL B 111 -27.75 -19.91 47.58
C VAL B 111 -27.89 -20.82 46.43
N THR B 112 -26.81 -21.52 46.16
CA THR B 112 -26.73 -22.21 44.92
C THR B 112 -25.97 -23.48 45.13
N HIS B 113 -26.28 -24.51 44.36
CA HIS B 113 -25.65 -25.81 44.63
C HIS B 113 -24.16 -25.68 44.35
N HIS B 114 -23.84 -25.31 43.10
CA HIS B 114 -22.47 -25.04 42.68
C HIS B 114 -21.92 -23.69 43.17
N PRO B 115 -20.60 -23.61 43.41
CA PRO B 115 -20.06 -22.28 43.68
C PRO B 115 -19.83 -21.49 42.39
N ILE B 116 -19.79 -20.17 42.52
CA ILE B 116 -19.67 -19.26 41.40
C ILE B 116 -18.45 -18.39 41.58
N GLU B 117 -17.57 -18.41 40.60
CA GLU B 117 -16.38 -17.59 40.65
C GLU B 117 -16.46 -16.53 39.55
N VAL B 118 -16.15 -15.30 39.95
CA VAL B 118 -16.06 -14.20 39.02
C VAL B 118 -14.59 -13.97 38.78
N VAL B 119 -14.20 -13.88 37.51
CA VAL B 119 -12.80 -13.82 37.17
C VAL B 119 -12.48 -12.70 36.22
N ALA B 120 -11.51 -11.89 36.61
CA ALA B 120 -10.92 -10.96 35.67
C ALA B 120 -9.57 -11.52 35.15
N PHE B 121 -9.56 -11.96 33.91
CA PHE B 121 -8.40 -12.61 33.32
C PHE B 121 -7.26 -11.67 32.96
N THR B 122 -6.05 -12.08 33.21
CA THR B 122 -4.93 -11.30 32.83
C THR B 122 -4.74 -11.16 31.30
N ASP B 123 -4.61 -9.92 30.83
CA ASP B 123 -4.24 -9.60 29.42
C ASP B 123 -4.95 -10.32 28.27
N GLU B 124 -6.22 -10.01 28.05
CA GLU B 124 -6.96 -10.50 26.89
C GLU B 124 -6.62 -9.76 25.60
N GLU B 125 -6.44 -8.45 25.65
CA GLU B 125 -6.31 -7.73 24.39
C GLU B 125 -4.92 -7.92 23.74
N GLY B 126 -3.89 -8.15 24.57
CA GLY B 126 -2.52 -8.44 24.12
C GLY B 126 -1.65 -7.24 23.78
N ALA B 127 -1.85 -6.11 24.45
CA ALA B 127 -1.38 -4.86 23.89
C ALA B 127 0.08 -4.68 24.21
N ARG B 128 0.44 -5.00 25.44
CA ARG B 128 1.78 -4.79 25.92
C ARG B 128 2.78 -5.69 25.22
N PHE B 129 2.57 -7.00 25.24
CA PHE B 129 3.54 -7.89 24.61
C PHE B 129 3.06 -8.43 23.24
N ARG B 130 2.06 -7.81 22.65
CA ARG B 130 1.56 -8.32 21.37
C ARG B 130 1.31 -9.85 21.44
N PHE B 131 1.06 -10.35 22.64
CA PHE B 131 0.55 -11.70 22.74
C PHE B 131 -0.70 -11.65 23.59
N GLY B 132 -1.79 -12.17 23.05
CA GLY B 132 -3.09 -12.03 23.71
C GLY B 132 -3.55 -13.19 24.59
N MET B 133 -4.51 -12.90 25.49
CA MET B 133 -5.23 -13.92 26.25
C MET B 133 -4.33 -14.76 27.17
N ILE B 134 -3.40 -14.06 27.85
CA ILE B 134 -2.43 -14.69 28.73
C ILE B 134 -3.07 -15.34 29.95
N GLY B 135 -4.01 -14.63 30.59
CA GLY B 135 -4.68 -15.18 31.76
C GLY B 135 -5.51 -16.42 31.50
N SER B 136 -6.35 -16.37 30.46
CA SER B 136 -7.25 -17.48 30.19
C SER B 136 -6.57 -18.75 29.61
N ARG B 137 -5.54 -18.56 28.77
CA ARG B 137 -4.72 -19.72 28.37
C ARG B 137 -4.12 -20.37 29.62
N ALA B 138 -3.63 -19.55 30.54
CA ALA B 138 -3.04 -20.06 31.76
C ALA B 138 -4.02 -20.91 32.62
N MET B 139 -5.20 -20.39 32.90
CA MET B 139 -6.22 -21.17 33.61
C MET B 139 -6.61 -22.39 32.80
N ALA B 140 -6.50 -22.32 31.47
CA ALA B 140 -6.87 -23.46 30.64
C ALA B 140 -5.69 -24.42 30.49
N GLY B 141 -4.49 -23.95 30.84
CA GLY B 141 -3.26 -24.74 30.75
C GLY B 141 -2.60 -24.84 29.37
N THR B 142 -2.88 -23.85 28.49
CA THR B 142 -2.35 -23.86 27.13
C THR B 142 -1.52 -22.63 26.82
N LEU B 143 -0.93 -22.01 27.83
CA LEU B 143 -0.02 -20.91 27.52
C LEU B 143 1.28 -21.51 26.97
N PRO B 144 1.63 -21.19 25.70
CA PRO B 144 2.90 -21.68 25.18
C PRO B 144 4.06 -20.92 25.81
N PRO B 145 5.17 -21.63 26.10
CA PRO B 145 6.37 -20.96 26.62
C PRO B 145 6.99 -19.99 25.62
N GLU B 146 6.67 -20.15 24.33
CA GLU B 146 7.05 -19.12 23.35
C GLU B 146 6.60 -17.69 23.80
N ALA B 147 5.46 -17.62 24.49
CA ALA B 147 4.87 -16.36 24.96
C ALA B 147 5.65 -15.67 26.08
N LEU B 148 6.25 -16.46 26.95
CA LEU B 148 7.08 -15.90 27.99
C LEU B 148 8.23 -15.04 27.44
N GLU B 149 8.67 -15.35 26.23
CA GLU B 149 9.83 -14.66 25.63
C GLU B 149 9.44 -13.41 24.80
N CYS B 150 8.15 -13.10 24.72
CA CYS B 150 7.71 -11.88 24.06
C CYS B 150 8.07 -10.63 24.88
N ARG B 151 8.46 -9.57 24.19
CA ARG B 151 8.86 -8.35 24.86
C ARG B 151 7.98 -7.18 24.48
N ASP B 152 7.98 -6.16 25.34
CA ASP B 152 7.13 -5.02 25.15
C ASP B 152 7.90 -3.94 24.39
N ALA B 153 7.40 -2.72 24.35
CA ALA B 153 8.10 -1.67 23.63
C ALA B 153 9.37 -1.33 24.33
N GLU B 154 9.34 -1.27 25.66
CA GLU B 154 10.51 -0.87 26.41
C GLU B 154 11.45 -2.06 26.46
N GLY B 155 11.02 -3.17 25.87
CA GLY B 155 11.86 -4.37 25.72
C GLY B 155 11.92 -5.36 26.92
N ILE B 156 11.08 -5.16 27.94
CA ILE B 156 11.01 -6.08 29.07
C ILE B 156 10.11 -7.25 28.69
N SER B 157 10.60 -8.47 28.88
CA SER B 157 9.86 -9.67 28.52
C SER B 157 8.70 -9.99 29.47
N LEU B 158 7.78 -10.83 29.00
CA LEU B 158 6.66 -11.26 29.82
C LEU B 158 7.14 -11.94 31.08
N ALA B 159 8.09 -12.86 30.94
CA ALA B 159 8.67 -13.54 32.10
C ALA B 159 9.26 -12.52 33.04
N GLU B 160 9.87 -11.48 32.50
CA GLU B 160 10.54 -10.49 33.33
C GLU B 160 9.50 -9.67 34.08
N ALA B 161 8.49 -9.23 33.33
CA ALA B 161 7.33 -8.54 33.89
C ALA B 161 6.72 -9.38 34.99
N MET B 162 6.51 -10.66 34.69
CA MET B 162 5.89 -11.58 35.65
C MET B 162 6.74 -11.65 36.89
N LYS B 163 8.03 -11.91 36.71
CA LYS B 163 9.01 -11.82 37.80
C LYS B 163 8.84 -10.55 38.61
N GLN B 164 8.93 -9.40 37.97
CA GLN B 164 8.88 -8.12 38.68
C GLN B 164 7.63 -8.08 39.53
N ALA B 165 6.58 -8.74 39.04
CA ALA B 165 5.28 -8.69 39.73
C ALA B 165 5.13 -9.67 40.92
N GLY B 166 6.17 -10.44 41.21
CA GLY B 166 6.13 -11.46 42.27
C GLY B 166 5.73 -12.83 41.75
N LEU B 167 5.77 -12.99 40.43
CA LEU B 167 5.17 -14.14 39.77
C LEU B 167 6.25 -15.01 39.15
N ASP B 168 6.48 -16.19 39.73
CA ASP B 168 7.45 -17.12 39.17
C ASP B 168 6.79 -17.86 38.01
N PRO B 169 7.26 -17.63 36.77
CA PRO B 169 6.69 -18.30 35.58
C PRO B 169 6.75 -19.81 35.71
N ASP B 170 7.59 -20.26 36.64
CA ASP B 170 7.70 -21.67 36.95
C ASP B 170 6.42 -22.20 37.58
N ARG B 171 5.65 -21.33 38.20
CA ARG B 171 4.46 -21.75 38.89
C ARG B 171 3.21 -21.61 38.07
N LEU B 172 3.36 -21.33 36.79
CA LEU B 172 2.26 -21.06 35.91
C LEU B 172 1.31 -22.24 35.74
N PRO B 173 1.83 -23.46 35.81
CA PRO B 173 0.93 -24.60 35.73
C PRO B 173 -0.04 -24.70 36.91
N GLN B 174 0.30 -24.07 38.02
CA GLN B 174 -0.57 -24.07 39.18
C GLN B 174 -1.84 -23.28 38.95
N ALA B 175 -1.85 -22.44 37.90
CA ALA B 175 -2.96 -21.59 37.57
C ALA B 175 -3.98 -22.38 36.80
N ALA B 176 -3.57 -23.51 36.25
CA ALA B 176 -4.46 -24.26 35.42
C ALA B 176 -5.52 -24.90 36.26
N ARG B 177 -6.72 -24.97 35.68
CA ARG B 177 -7.80 -25.76 36.18
C ARG B 177 -7.79 -27.04 35.38
N LYS B 178 -7.94 -28.16 36.08
CA LYS B 178 -8.00 -29.45 35.43
C LYS B 178 -9.42 -29.61 34.88
N PRO B 179 -9.59 -30.45 33.82
CA PRO B 179 -10.95 -30.51 33.25
C PRO B 179 -11.87 -31.13 34.29
N GLY B 180 -13.16 -30.81 34.25
CA GLY B 180 -14.09 -31.30 35.25
C GLY B 180 -13.87 -30.82 36.67
N THR B 181 -13.30 -29.63 36.83
CA THR B 181 -13.45 -28.90 38.11
C THR B 181 -14.40 -27.73 37.90
N VAL B 182 -14.64 -27.41 36.63
CA VAL B 182 -15.50 -26.30 36.19
C VAL B 182 -16.80 -26.79 35.51
N LYS B 183 -17.95 -26.44 36.08
CA LYS B 183 -19.25 -26.70 35.45
C LYS B 183 -19.31 -26.07 34.08
N ALA B 184 -19.09 -24.75 34.00
CA ALA B 184 -19.21 -23.99 32.75
C ALA B 184 -18.67 -22.59 32.90
N TYR B 185 -18.53 -21.89 31.77
CA TYR B 185 -18.13 -20.47 31.72
C TYR B 185 -19.06 -19.57 30.87
N VAL B 186 -19.40 -18.42 31.41
CA VAL B 186 -20.31 -17.51 30.69
C VAL B 186 -19.68 -16.16 30.78
N GLU B 187 -19.72 -15.41 29.67
CA GLU B 187 -19.15 -14.07 29.67
C GLU B 187 -20.16 -13.11 29.06
N LEU B 188 -20.46 -12.03 29.75
CA LEU B 188 -21.21 -10.94 29.18
C LEU B 188 -20.23 -10.00 28.49
N HIS B 189 -20.51 -9.69 27.24
CA HIS B 189 -19.63 -8.80 26.49
C HIS B 189 -20.46 -7.87 25.61
N ILE B 190 -19.92 -6.69 25.32
CA ILE B 190 -20.52 -5.80 24.35
C ILE B 190 -20.29 -6.44 22.98
N GLU B 191 -21.22 -6.23 22.05
CA GLU B 191 -21.17 -6.91 20.74
C GLU B 191 -19.97 -6.55 19.88
N GLN B 192 -19.58 -5.28 19.87
CA GLN B 192 -18.52 -4.81 18.96
C GLN B 192 -18.96 -4.71 17.51
N GLY B 193 -20.26 -4.83 17.26
CA GLY B 193 -20.82 -4.61 15.93
C GLY B 193 -22.25 -4.09 15.99
N ARG B 194 -22.89 -3.91 14.85
CA ARG B 194 -24.11 -3.17 14.82
C ARG B 194 -25.29 -4.09 14.61
N VAL B 195 -25.06 -5.40 14.75
CA VAL B 195 -26.09 -6.39 14.46
C VAL B 195 -27.29 -6.11 15.34
N LEU B 196 -27.04 -6.07 16.65
CA LEU B 196 -28.09 -5.81 17.64
C LEU B 196 -28.74 -4.40 17.54
N GLU B 197 -27.92 -3.36 17.33
CA GLU B 197 -28.47 -2.04 17.17
C GLU B 197 -29.40 -2.02 15.92
N GLU B 198 -29.02 -2.74 14.86
CA GLU B 198 -29.83 -2.74 13.65
C GLU B 198 -31.16 -3.45 13.88
N THR B 199 -31.18 -4.48 14.70
CA THR B 199 -32.45 -5.15 14.99
C THR B 199 -33.29 -4.42 16.02
N GLY B 200 -32.65 -3.58 16.83
CA GLY B 200 -33.36 -2.83 17.85
C GLY B 200 -33.63 -3.68 19.07
N LEU B 201 -32.58 -4.24 19.67
CA LEU B 201 -32.71 -5.03 20.89
C LEU B 201 -31.46 -4.86 21.76
N PRO B 202 -31.65 -4.92 23.08
CA PRO B 202 -30.50 -4.65 23.96
C PRO B 202 -29.60 -5.86 24.15
N VAL B 203 -30.15 -7.05 24.00
CA VAL B 203 -29.38 -8.22 24.37
C VAL B 203 -29.55 -9.36 23.39
N GLY B 204 -28.44 -10.00 23.03
CA GLY B 204 -28.48 -11.17 22.18
C GLY B 204 -27.78 -12.35 22.80
N ILE B 205 -28.06 -13.55 22.29
CA ILE B 205 -27.37 -14.76 22.71
C ILE B 205 -26.31 -15.21 21.67
N VAL B 206 -25.15 -15.59 22.17
CA VAL B 206 -24.07 -15.99 21.30
C VAL B 206 -24.16 -17.45 20.96
N THR B 207 -24.09 -17.71 19.65
CA THR B 207 -24.17 -19.06 19.13
C THR B 207 -22.79 -19.66 19.15
N GLY B 208 -21.78 -18.86 18.89
CA GLY B 208 -20.40 -19.30 19.03
C GLY B 208 -19.39 -18.23 18.63
N ILE B 209 -18.11 -18.59 18.68
CA ILE B 209 -17.04 -17.66 18.35
C ILE B 209 -16.41 -18.12 17.04
N ALA B 210 -16.51 -17.28 16.00
CA ALA B 210 -16.26 -17.71 14.62
C ALA B 210 -14.85 -18.23 14.46
N GLY B 211 -14.66 -19.11 13.49
CA GLY B 211 -13.31 -19.56 13.12
C GLY B 211 -12.62 -18.47 12.33
N LEU B 212 -11.29 -18.48 12.32
CA LEU B 212 -10.50 -17.38 11.76
C LEU B 212 -9.32 -17.85 10.93
N ILE B 213 -9.02 -17.10 9.88
N ILE B 213 -9.04 -17.17 9.83
CA ILE B 213 -7.85 -17.32 9.04
CA ILE B 213 -7.74 -17.29 9.18
C ILE B 213 -7.27 -15.94 8.63
C ILE B 213 -7.25 -15.93 8.74
N TRP B 214 -5.94 -15.83 8.66
CA TRP B 214 -5.25 -14.66 8.15
C TRP B 214 -4.34 -15.19 7.07
N VAL B 215 -4.58 -14.78 5.83
CA VAL B 215 -3.73 -15.20 4.70
C VAL B 215 -3.08 -13.97 4.15
N LYS B 216 -1.78 -14.02 3.96
CA LYS B 216 -1.08 -12.91 3.36
C LYS B 216 -0.96 -13.15 1.87
N PHE B 217 -1.45 -12.21 1.07
CA PHE B 217 -1.29 -12.31 -0.36
C PHE B 217 -0.10 -11.49 -0.76
N THR B 218 0.81 -12.10 -1.51
CA THR B 218 1.99 -11.45 -2.12
C THR B 218 1.82 -11.55 -3.62
N ILE B 219 1.64 -10.42 -4.29
CA ILE B 219 1.45 -10.42 -5.74
C ILE B 219 2.61 -9.75 -6.45
N GLU B 220 3.29 -10.51 -7.31
CA GLU B 220 4.51 -10.05 -7.99
C GLU B 220 4.26 -9.76 -9.45
N GLY B 221 4.68 -8.58 -9.90
CA GLY B 221 4.57 -8.16 -11.31
C GLY B 221 5.87 -7.59 -11.87
N LYS B 222 5.78 -6.49 -12.60
CA LYS B 222 6.95 -5.89 -13.21
C LYS B 222 6.90 -4.38 -13.05
N ALA B 223 7.77 -3.84 -12.20
CA ALA B 223 7.92 -2.39 -12.07
C ALA B 223 8.43 -1.80 -13.38
N GLU B 224 7.85 -0.67 -13.76
CA GLU B 224 8.03 -0.12 -15.13
C GLU B 224 7.38 1.25 -15.11
N HIS B 225 7.93 2.22 -15.87
CA HIS B 225 7.38 3.58 -15.90
C HIS B 225 5.99 3.54 -16.53
N ALA B 226 5.05 4.29 -15.96
CA ALA B 226 3.70 4.30 -16.48
C ALA B 226 3.61 4.75 -17.95
N GLY B 227 4.36 5.79 -18.31
CA GLY B 227 4.32 6.32 -19.66
C GLY B 227 4.84 5.32 -20.66
N ALA B 228 5.94 4.66 -20.30
CA ALA B 228 6.62 3.73 -21.21
C ALA B 228 5.84 2.42 -21.40
N THR B 229 4.84 2.17 -20.58
CA THR B 229 4.31 0.80 -20.61
C THR B 229 2.84 0.72 -21.02
N PRO B 230 2.56 0.33 -22.28
CA PRO B 230 1.16 0.25 -22.72
C PRO B 230 0.39 -0.75 -21.90
N MET B 231 -0.94 -0.65 -21.94
CA MET B 231 -1.80 -1.51 -21.12
C MET B 231 -1.63 -2.96 -21.53
N SER B 232 -1.48 -3.17 -22.83
CA SER B 232 -1.35 -4.51 -23.45
C SER B 232 -0.10 -5.32 -23.07
N LEU B 233 0.86 -4.67 -22.40
CA LEU B 233 2.18 -5.22 -22.12
C LEU B 233 2.43 -5.48 -20.63
N ARG B 234 1.66 -4.76 -19.81
CA ARG B 234 1.79 -4.67 -18.36
C ARG B 234 1.67 -5.99 -17.67
N ARG B 235 2.34 -6.10 -16.55
CA ARG B 235 2.10 -7.14 -15.58
C ARG B 235 1.83 -6.35 -14.27
N ASP B 236 0.65 -5.73 -14.14
CA ASP B 236 0.36 -4.85 -13.02
C ASP B 236 -0.20 -5.58 -11.82
N PRO B 237 0.61 -5.69 -10.76
CA PRO B 237 0.13 -6.45 -9.62
C PRO B 237 -0.85 -5.66 -8.74
N MET B 238 -0.94 -4.34 -8.90
CA MET B 238 -1.90 -3.54 -8.16
C MET B 238 -3.28 -3.75 -8.78
N ALA B 239 -3.29 -3.85 -10.10
CA ALA B 239 -4.50 -4.14 -10.85
C ALA B 239 -4.98 -5.57 -10.54
N ALA B 240 -4.01 -6.47 -10.38
CA ALA B 240 -4.30 -7.85 -10.00
C ALA B 240 -4.90 -7.88 -8.61
N ALA B 241 -4.35 -7.04 -7.72
CA ALA B 241 -4.78 -7.00 -6.32
C ALA B 241 -6.23 -6.51 -6.22
N ALA B 242 -6.53 -5.46 -6.97
CA ALA B 242 -7.87 -4.90 -7.00
C ALA B 242 -8.90 -5.95 -7.38
N GLN B 243 -8.59 -6.83 -8.33
CA GLN B 243 -9.58 -7.82 -8.79
C GLN B 243 -9.82 -8.92 -7.74
N ILE B 244 -8.75 -9.30 -7.05
CA ILE B 244 -8.77 -10.35 -6.05
C ILE B 244 -9.52 -9.86 -4.82
N ILE B 245 -9.34 -8.59 -4.50
CA ILE B 245 -10.03 -7.97 -3.39
C ILE B 245 -11.54 -7.98 -3.67
N ILE B 246 -11.93 -7.82 -4.93
CA ILE B 246 -13.31 -7.95 -5.25
C ILE B 246 -13.72 -9.40 -5.07
N VAL B 247 -12.91 -10.34 -5.55
CA VAL B 247 -13.29 -11.76 -5.43
C VAL B 247 -13.56 -12.09 -3.97
N ILE B 248 -12.68 -11.59 -3.10
CA ILE B 248 -12.83 -11.79 -1.66
C ILE B 248 -14.24 -11.38 -1.21
N GLU B 249 -14.67 -10.18 -1.62
CA GLU B 249 -15.97 -9.67 -1.22
C GLU B 249 -17.13 -10.54 -1.76
N GLU B 250 -17.12 -10.81 -3.07
CA GLU B 250 -18.07 -11.72 -3.68
C GLU B 250 -18.13 -13.06 -2.92
N GLU B 251 -16.98 -13.62 -2.57
CA GLU B 251 -17.00 -14.94 -1.96
C GLU B 251 -17.41 -14.92 -0.49
N ALA B 252 -17.15 -13.83 0.22
CA ALA B 252 -17.63 -13.73 1.61
C ALA B 252 -19.12 -13.38 1.70
N ARG B 253 -19.61 -12.61 0.73
CA ARG B 253 -21.01 -12.24 0.69
C ARG B 253 -21.89 -13.43 0.40
N ARG B 254 -21.33 -14.38 -0.34
CA ARG B 254 -22.08 -15.49 -0.94
C ARG B 254 -22.80 -16.38 0.09
N THR B 255 -22.13 -16.67 1.21
CA THR B 255 -22.68 -17.58 2.21
C THR B 255 -23.73 -16.97 3.14
N GLY B 256 -23.81 -15.65 3.18
CA GLY B 256 -24.71 -15.02 4.13
C GLY B 256 -24.21 -15.03 5.55
N THR B 257 -23.07 -15.67 5.75
CA THR B 257 -22.60 -16.08 7.07
C THR B 257 -21.17 -15.63 7.34
N THR B 258 -20.40 -15.48 6.28
CA THR B 258 -18.96 -15.25 6.36
C THR B 258 -18.65 -13.75 6.34
N VAL B 259 -17.53 -13.38 6.94
CA VAL B 259 -16.96 -12.03 6.83
C VAL B 259 -15.58 -12.10 6.16
N GLY B 260 -15.30 -11.23 5.19
CA GLY B 260 -13.97 -11.22 4.58
C GLY B 260 -13.54 -9.80 4.41
N THR B 261 -12.29 -9.53 4.81
CA THR B 261 -11.80 -8.14 4.82
C THR B 261 -10.34 -8.05 4.39
N VAL B 262 -10.03 -7.01 3.61
CA VAL B 262 -8.65 -6.59 3.41
C VAL B 262 -8.55 -5.21 3.99
N GLY B 263 -7.76 -5.06 5.05
CA GLY B 263 -7.72 -3.84 5.83
C GLY B 263 -6.36 -3.21 5.86
N GLN B 264 -5.40 -3.90 5.23
CA GLN B 264 -4.08 -3.35 5.06
CA GLN B 264 -4.01 -3.52 5.17
C GLN B 264 -3.52 -3.87 3.77
N LEU B 265 -2.68 -3.03 3.16
CA LEU B 265 -2.14 -3.32 1.84
C LEU B 265 -0.93 -2.45 1.55
N HIS B 266 0.23 -3.07 1.42
CA HIS B 266 1.45 -2.35 1.09
C HIS B 266 1.87 -2.54 -0.36
N VAL B 267 2.36 -1.45 -0.95
CA VAL B 267 2.72 -1.41 -2.36
C VAL B 267 4.21 -1.13 -2.50
N TYR B 268 4.90 -1.91 -3.33
CA TYR B 268 6.31 -1.69 -3.59
C TYR B 268 6.53 -1.53 -5.09
N PRO B 269 7.28 -0.50 -5.50
CA PRO B 269 8.03 0.45 -4.67
C PRO B 269 7.23 1.64 -4.11
N GLY B 270 6.27 2.17 -4.88
CA GLY B 270 5.28 3.13 -4.36
C GLY B 270 5.36 4.54 -4.89
N GLY B 271 5.63 4.66 -6.19
CA GLY B 271 5.61 5.93 -6.91
C GLY B 271 4.30 6.17 -7.65
N ILE B 272 3.98 7.44 -7.88
CA ILE B 272 2.79 7.81 -8.67
C ILE B 272 2.87 7.34 -10.10
N ASN B 273 4.05 7.35 -10.70
CA ASN B 273 4.15 7.02 -12.12
C ASN B 273 4.84 5.68 -12.36
N VAL B 274 4.81 4.80 -11.37
CA VAL B 274 5.41 3.48 -11.53
C VAL B 274 4.44 2.32 -11.25
N ILE B 275 4.13 1.51 -12.28
CA ILE B 275 3.45 0.23 -12.06
C ILE B 275 4.22 -0.55 -10.99
N PRO B 276 3.55 -1.01 -9.91
CA PRO B 276 4.29 -1.64 -8.81
C PRO B 276 5.00 -2.95 -9.19
N GLU B 277 6.07 -3.31 -8.47
CA GLU B 277 6.64 -4.64 -8.59
C GLU B 277 5.86 -5.61 -7.74
N ARG B 278 5.43 -5.17 -6.56
CA ARG B 278 4.83 -6.05 -5.57
C ARG B 278 3.66 -5.36 -4.88
N VAL B 279 2.64 -6.11 -4.51
CA VAL B 279 1.61 -5.63 -3.61
C VAL B 279 1.31 -6.73 -2.60
N GLU B 280 1.40 -6.40 -1.31
CA GLU B 280 1.17 -7.39 -0.25
C GLU B 280 -0.05 -6.94 0.52
N PHE B 281 -0.91 -7.89 0.90
CA PHE B 281 -2.11 -7.60 1.72
C PHE B 281 -2.54 -8.84 2.48
N VAL B 282 -3.43 -8.66 3.47
CA VAL B 282 -3.84 -9.79 4.32
C VAL B 282 -5.35 -9.98 4.35
N LEU B 283 -5.81 -11.12 3.88
CA LEU B 283 -7.21 -11.47 4.05
C LEU B 283 -7.48 -11.80 5.52
N ASP B 284 -8.39 -11.05 6.13
CA ASP B 284 -9.05 -11.50 7.35
C ASP B 284 -10.41 -12.16 6.97
N LEU B 285 -10.52 -13.46 7.27
CA LEU B 285 -11.66 -14.28 6.85
C LEU B 285 -12.25 -15.13 7.98
N ARG B 286 -13.49 -14.89 8.34
CA ARG B 286 -14.09 -15.65 9.44
C ARG B 286 -15.52 -16.15 9.21
N ASP B 287 -15.86 -17.23 9.91
CA ASP B 287 -17.17 -17.85 9.83
C ASP B 287 -17.33 -18.88 10.93
N LEU B 288 -18.56 -19.05 11.38
CA LEU B 288 -18.87 -19.90 12.53
C LEU B 288 -18.65 -21.37 12.22
N LYS B 289 -19.00 -21.77 11.00
CA LYS B 289 -18.64 -23.13 10.52
C LYS B 289 -17.34 -23.14 9.75
N ALA B 290 -16.33 -23.78 10.34
CA ALA B 290 -15.03 -23.99 9.69
C ALA B 290 -15.14 -24.52 8.25
N GLU B 291 -16.03 -25.48 8.02
CA GLU B 291 -16.14 -26.03 6.66
C GLU B 291 -16.56 -24.93 5.65
N VAL B 292 -17.44 -24.02 6.10
CA VAL B 292 -17.84 -22.89 5.29
C VAL B 292 -16.67 -21.94 5.12
N ARG B 293 -15.93 -21.61 6.24
CA ARG B 293 -14.79 -20.71 6.15
C ARG B 293 -13.83 -21.11 5.01
N ASP B 294 -13.41 -22.37 5.10
CA ASP B 294 -12.45 -22.97 4.17
C ASP B 294 -13.01 -23.15 2.76
N GLN B 295 -14.28 -23.48 2.68
CA GLN B 295 -14.91 -23.59 1.40
C GLN B 295 -14.90 -22.19 0.76
N VAL B 296 -15.10 -21.15 1.58
CA VAL B 296 -15.03 -19.78 1.07
C VAL B 296 -13.60 -19.46 0.65
N TRP B 297 -12.62 -19.96 1.39
CA TRP B 297 -11.26 -19.64 1.08
C TRP B 297 -10.80 -20.30 -0.23
N LYS B 298 -11.29 -21.51 -0.46
CA LYS B 298 -11.02 -22.28 -1.68
C LYS B 298 -11.53 -21.51 -2.94
N ALA B 299 -12.71 -20.92 -2.84
CA ALA B 299 -13.25 -20.13 -3.94
C ALA B 299 -12.40 -18.91 -4.24
N ILE B 300 -11.91 -18.27 -3.19
CA ILE B 300 -11.00 -17.16 -3.38
C ILE B 300 -9.68 -17.65 -3.98
N ALA B 301 -9.21 -18.82 -3.53
CA ALA B 301 -7.93 -19.35 -4.02
C ALA B 301 -8.06 -19.73 -5.50
N VAL B 302 -9.07 -20.53 -5.82
CA VAL B 302 -9.24 -20.92 -7.21
C VAL B 302 -9.40 -19.70 -8.10
N ARG B 303 -10.29 -18.78 -7.75
CA ARG B 303 -10.47 -17.58 -8.60
C ARG B 303 -9.22 -16.69 -8.71
N ALA B 304 -8.39 -16.67 -7.66
CA ALA B 304 -7.18 -15.88 -7.67
C ALA B 304 -6.16 -16.51 -8.62
N GLU B 305 -6.17 -17.84 -8.64
CA GLU B 305 -5.24 -18.62 -9.46
C GLU B 305 -5.41 -18.32 -10.93
N THR B 306 -6.65 -18.22 -11.38
CA THR B 306 -6.91 -17.92 -12.75
C THR B 306 -6.59 -16.47 -13.07
N ILE B 307 -7.01 -15.56 -12.18
CA ILE B 307 -6.67 -14.14 -12.31
C ILE B 307 -5.16 -14.00 -12.44
N ALA B 308 -4.40 -14.81 -11.71
CA ALA B 308 -2.93 -14.85 -11.88
C ALA B 308 -2.49 -15.21 -13.32
N LYS B 309 -3.06 -16.30 -13.83
CA LYS B 309 -2.65 -16.83 -15.13
C LYS B 309 -3.12 -15.93 -16.26
N GLU B 310 -4.32 -15.37 -16.12
CA GLU B 310 -4.86 -14.39 -17.08
C GLU B 310 -3.96 -13.15 -17.25
N ARG B 311 -3.41 -12.66 -16.14
CA ARG B 311 -2.76 -11.36 -16.16
C ARG B 311 -1.26 -11.46 -16.07
N ASN B 312 -0.76 -12.68 -16.06
CA ASN B 312 0.67 -12.95 -16.09
C ASN B 312 1.37 -12.37 -14.86
N VAL B 313 0.84 -12.66 -13.68
CA VAL B 313 1.49 -12.29 -12.41
C VAL B 313 1.56 -13.50 -11.52
N ARG B 314 2.41 -13.41 -10.49
CA ARG B 314 2.58 -14.51 -9.54
C ARG B 314 1.89 -14.18 -8.23
N VAL B 315 1.05 -15.10 -7.77
CA VAL B 315 0.45 -14.91 -6.45
C VAL B 315 0.70 -16.06 -5.46
N THR B 316 1.53 -15.78 -4.45
CA THR B 316 1.69 -16.71 -3.34
C THR B 316 0.95 -16.27 -2.12
N THR B 317 0.26 -17.23 -1.51
CA THR B 317 -0.42 -17.01 -0.25
C THR B 317 0.32 -17.70 0.91
N GLU B 318 0.21 -17.14 2.10
CA GLU B 318 0.74 -17.72 3.33
CA GLU B 318 0.73 -17.78 3.33
C GLU B 318 -0.29 -17.64 4.47
N ARG B 319 -0.55 -18.73 5.17
CA ARG B 319 -1.40 -18.67 6.35
C ARG B 319 -0.66 -18.12 7.62
N LEU B 320 -1.06 -16.93 8.08
CA LEU B 320 -0.47 -16.28 9.26
C LEU B 320 -1.05 -16.74 10.60
N GLN B 321 -2.37 -17.00 10.64
CA GLN B 321 -3.09 -17.43 11.86
C GLN B 321 -4.31 -18.27 11.52
N GLU B 322 -4.52 -19.35 12.27
CA GLU B 322 -5.74 -20.13 12.18
C GLU B 322 -6.29 -20.38 13.60
N MET B 323 -7.52 -19.97 13.84
CA MET B 323 -8.21 -20.33 15.09
C MET B 323 -9.49 -21.05 14.70
N PRO B 324 -9.67 -22.28 15.20
CA PRO B 324 -10.89 -22.96 14.88
C PRO B 324 -12.06 -22.34 15.63
N PRO B 325 -13.26 -22.47 15.06
CA PRO B 325 -14.46 -21.97 15.71
C PRO B 325 -14.71 -22.70 17.03
N VAL B 326 -15.37 -22.02 17.95
CA VAL B 326 -15.84 -22.60 19.20
C VAL B 326 -17.34 -22.35 19.25
N LEU B 327 -18.13 -23.41 19.09
CA LEU B 327 -19.56 -23.35 19.27
C LEU B 327 -19.86 -23.18 20.75
N CYS B 328 -20.89 -22.39 21.08
CA CYS B 328 -21.31 -22.27 22.48
C CYS B 328 -22.09 -23.50 22.86
N SER B 329 -22.07 -23.88 24.13
CA SER B 329 -22.75 -25.13 24.55
C SER B 329 -24.27 -25.00 24.64
N ASP B 330 -24.97 -26.13 24.59
CA ASP B 330 -26.42 -26.14 24.76
C ASP B 330 -26.81 -25.76 26.19
N GLU B 331 -26.07 -26.23 27.19
CA GLU B 331 -26.42 -25.87 28.58
C GLU B 331 -26.40 -24.35 28.79
N VAL B 332 -25.39 -23.68 28.26
CA VAL B 332 -25.29 -22.25 28.46
C VAL B 332 -26.36 -21.50 27.65
N LYS B 333 -26.43 -21.82 26.34
CA LYS B 333 -27.44 -21.30 25.43
C LYS B 333 -28.87 -21.55 25.92
N ARG B 334 -29.20 -22.80 26.27
CA ARG B 334 -30.53 -23.10 26.80
C ARG B 334 -30.80 -22.27 28.04
N ALA B 335 -29.78 -22.09 28.89
CA ALA B 335 -29.93 -21.26 30.09
C ALA B 335 -30.21 -19.77 29.78
N ALA B 336 -29.51 -19.21 28.81
CA ALA B 336 -29.67 -17.81 28.46
C ALA B 336 -31.04 -17.58 27.84
N GLU B 337 -31.54 -18.59 27.15
CA GLU B 337 -32.83 -18.51 26.49
C GLU B 337 -33.94 -18.49 27.53
N ALA B 338 -33.86 -19.40 28.48
CA ALA B 338 -34.81 -19.41 29.57
C ALA B 338 -34.71 -18.07 30.28
N ALA B 339 -33.47 -17.63 30.54
CA ALA B 339 -33.24 -16.34 31.21
C ALA B 339 -34.02 -15.19 30.58
N CYS B 340 -34.04 -15.13 29.23
CA CYS B 340 -34.70 -14.06 28.47
C CYS B 340 -36.22 -14.16 28.51
N GLN B 341 -36.73 -15.39 28.33
CA GLN B 341 -38.17 -15.65 28.36
C GLN B 341 -38.75 -15.22 29.72
N LYS B 342 -38.17 -15.72 30.83
CA LYS B 342 -38.47 -15.26 32.20
C LYS B 342 -38.58 -13.74 32.34
N LEU B 343 -37.67 -13.03 31.68
CA LEU B 343 -37.51 -11.59 31.90
C LEU B 343 -38.26 -10.74 30.89
N GLY B 344 -38.86 -11.40 29.90
CA GLY B 344 -39.60 -10.77 28.80
C GLY B 344 -38.70 -10.13 27.73
N TYR B 345 -37.57 -10.76 27.43
CA TYR B 345 -36.76 -10.35 26.27
C TYR B 345 -36.97 -11.35 25.12
N PRO B 346 -37.07 -10.85 23.87
CA PRO B 346 -37.01 -11.72 22.71
C PRO B 346 -35.69 -12.51 22.75
N SER B 347 -35.72 -13.76 22.26
CA SER B 347 -34.54 -14.60 22.12
C SER B 347 -33.88 -14.36 20.75
N PHE B 348 -32.73 -13.68 20.74
CA PHE B 348 -32.04 -13.34 19.48
C PHE B 348 -30.65 -13.95 19.38
N TRP B 349 -30.49 -14.82 18.41
CA TRP B 349 -29.25 -15.57 18.27
CA TRP B 349 -29.25 -15.57 18.27
C TRP B 349 -28.31 -14.88 17.30
N LEU B 350 -27.01 -14.95 17.59
CA LEU B 350 -25.99 -14.31 16.77
C LEU B 350 -24.60 -14.75 17.12
N PRO B 351 -23.76 -14.92 16.09
CA PRO B 351 -22.39 -15.34 16.27
C PRO B 351 -21.56 -14.19 16.76
N SER B 352 -20.49 -14.51 17.47
CA SER B 352 -19.54 -13.52 17.90
C SER B 352 -18.41 -13.53 16.88
N GLY B 353 -18.21 -12.40 16.20
CA GLY B 353 -17.16 -12.33 15.21
C GLY B 353 -15.81 -12.33 15.91
N ALA B 354 -15.72 -11.57 16.99
CA ALA B 354 -14.45 -11.42 17.66
C ALA B 354 -14.16 -12.58 18.61
N ALA B 355 -12.90 -12.78 18.96
CA ALA B 355 -12.47 -13.80 19.93
C ALA B 355 -12.46 -13.23 21.34
N HIS B 356 -12.71 -14.07 22.33
CA HIS B 356 -12.79 -13.64 23.70
C HIS B 356 -12.09 -14.63 24.62
N ASP B 357 -11.93 -14.26 25.89
CA ASP B 357 -11.35 -15.18 26.86
C ASP B 357 -12.12 -16.50 26.87
N SER B 358 -13.41 -16.46 26.53
CA SER B 358 -14.24 -17.65 26.54
C SER B 358 -13.71 -18.77 25.63
N VAL B 359 -12.91 -18.40 24.60
CA VAL B 359 -12.44 -19.32 23.53
C VAL B 359 -11.33 -20.21 24.05
N GLN B 360 -10.73 -19.76 25.14
CA GLN B 360 -9.58 -20.41 25.66
C GLN B 360 -10.04 -21.35 26.77
N LEU B 361 -11.31 -21.25 27.17
CA LEU B 361 -11.85 -22.14 28.19
C LEU B 361 -12.60 -23.36 27.65
N ALA B 362 -12.93 -23.39 26.35
CA ALA B 362 -13.61 -24.55 25.73
C ALA B 362 -12.95 -25.95 25.94
N PRO B 363 -11.60 -26.05 25.87
CA PRO B 363 -10.96 -27.34 26.09
C PRO B 363 -11.26 -27.86 27.46
N ILE B 364 -11.46 -26.97 28.43
CA ILE B 364 -11.67 -27.43 29.79
C ILE B 364 -13.11 -27.40 30.35
N CYS B 365 -14.02 -26.71 29.68
CA CYS B 365 -15.44 -26.70 30.10
C CYS B 365 -16.32 -26.11 29.01
N PRO B 366 -17.60 -26.46 29.01
CA PRO B 366 -18.53 -25.83 28.10
C PRO B 366 -18.66 -24.33 28.38
N ILE B 367 -18.81 -23.53 27.33
CA ILE B 367 -18.82 -22.10 27.49
C ILE B 367 -20.07 -21.52 26.92
N GLY B 368 -20.31 -20.24 27.17
CA GLY B 368 -21.43 -19.54 26.53
C GLY B 368 -21.25 -18.08 26.70
N MET B 369 -21.98 -17.30 25.92
CA MET B 369 -21.81 -15.82 25.93
C MET B 369 -23.13 -15.08 25.69
N ILE B 370 -23.18 -13.86 26.24
CA ILE B 370 -24.32 -12.96 26.10
C ILE B 370 -23.84 -11.61 25.60
N PHE B 371 -24.52 -11.09 24.58
CA PHE B 371 -24.10 -9.84 23.97
C PHE B 371 -25.00 -8.69 24.37
N VAL B 372 -24.38 -7.54 24.62
CA VAL B 372 -25.12 -6.33 24.96
C VAL B 372 -25.00 -5.36 23.79
N ARG B 373 -26.14 -4.79 23.39
CA ARG B 373 -26.15 -3.87 22.26
C ARG B 373 -24.99 -2.89 22.34
N SER B 374 -24.38 -2.66 21.18
CA SER B 374 -23.22 -1.77 21.09
C SER B 374 -23.57 -0.56 20.23
N GLN B 375 -23.41 0.64 20.78
CA GLN B 375 -23.95 1.82 20.14
C GLN B 375 -23.06 2.18 18.97
N ASP B 376 -23.65 2.29 17.79
CA ASP B 376 -22.92 2.43 16.53
C ASP B 376 -21.84 1.35 16.29
N GLY B 377 -21.94 0.26 17.01
CA GLY B 377 -21.00 -0.86 16.92
C GLY B 377 -19.58 -0.59 17.38
N VAL B 378 -19.27 0.67 17.68
CA VAL B 378 -17.93 1.14 18.03
C VAL B 378 -17.25 0.30 19.11
N SER B 379 -16.00 -0.11 18.85
CA SER B 379 -15.24 -0.80 19.85
C SER B 379 -13.79 -0.39 19.80
N HIS B 380 -13.08 -0.58 20.91
CA HIS B 380 -11.65 -0.31 21.01
C HIS B 380 -11.30 1.10 20.65
N SER B 381 -12.12 2.05 21.10
CA SER B 381 -11.80 3.45 20.93
C SER B 381 -12.60 4.27 21.93
N PRO B 382 -12.24 5.55 22.11
CA PRO B 382 -13.01 6.33 23.09
C PRO B 382 -14.51 6.42 22.80
N ALA B 383 -14.92 6.25 21.54
CA ALA B 383 -16.36 6.35 21.19
C ALA B 383 -17.18 5.20 21.73
N GLU B 384 -16.53 4.15 22.24
CA GLU B 384 -17.21 2.94 22.65
C GLU B 384 -18.22 3.22 23.73
N TRP B 385 -19.44 2.81 23.45
CA TRP B 385 -20.53 3.09 24.35
C TRP B 385 -21.61 2.05 24.32
N SER B 386 -22.06 1.62 25.51
CA SER B 386 -23.27 0.85 25.68
C SER B 386 -24.09 1.56 26.71
N THR B 387 -25.40 1.64 26.50
CA THR B 387 -26.25 2.49 27.37
C THR B 387 -26.50 1.82 28.71
N LYS B 388 -26.78 2.65 29.68
CA LYS B 388 -26.95 2.21 31.06
C LYS B 388 -28.01 1.15 31.21
N GLU B 389 -29.06 1.29 30.42
CA GLU B 389 -30.20 0.44 30.53
C GLU B 389 -29.89 -0.88 29.81
N ASP B 390 -29.06 -0.79 28.78
CA ASP B 390 -28.69 -1.95 28.00
C ASP B 390 -27.76 -2.85 28.80
N CYS B 391 -26.86 -2.22 29.55
CA CYS B 391 -26.03 -2.94 30.49
C CYS B 391 -26.90 -3.55 31.58
N ALA B 392 -27.91 -2.81 32.00
CA ALA B 392 -28.86 -3.33 32.95
C ALA B 392 -29.50 -4.58 32.38
N ALA B 393 -29.95 -4.51 31.13
CA ALA B 393 -30.59 -5.65 30.49
C ALA B 393 -29.70 -6.90 30.51
N GLY B 394 -28.42 -6.70 30.28
CA GLY B 394 -27.49 -7.79 30.12
C GLY B 394 -27.14 -8.43 31.45
N ALA B 395 -27.11 -7.60 32.49
CA ALA B 395 -26.86 -8.08 33.85
C ALA B 395 -28.01 -8.95 34.39
N GLU B 396 -29.25 -8.60 34.07
CA GLU B 396 -30.42 -9.40 34.46
C GLU B 396 -30.35 -10.79 33.85
N VAL B 397 -30.03 -10.84 32.55
CA VAL B 397 -29.96 -12.08 31.82
C VAL B 397 -28.81 -12.92 32.35
N LEU B 398 -27.62 -12.30 32.46
CA LEU B 398 -26.47 -12.97 33.02
C LEU B 398 -26.89 -13.61 34.30
N TYR B 399 -27.43 -12.78 35.18
CA TYR B 399 -27.87 -13.21 36.47
C TYR B 399 -28.66 -14.52 36.33
N HIS B 400 -29.77 -14.47 35.61
CA HIS B 400 -30.62 -15.64 35.44
C HIS B 400 -30.04 -16.79 34.65
N THR B 401 -29.00 -16.53 33.85
CA THR B 401 -28.28 -17.59 33.17
C THR B 401 -27.38 -18.32 34.17
N VAL B 402 -26.66 -17.54 34.98
CA VAL B 402 -25.77 -18.05 36.04
C VAL B 402 -26.55 -18.82 37.11
N TRP B 403 -27.73 -18.33 37.48
CA TRP B 403 -28.52 -18.98 38.52
C TRP B 403 -28.87 -20.41 38.11
N GLN B 404 -29.31 -20.54 36.86
CA GLN B 404 -29.71 -21.83 36.32
C GLN B 404 -28.54 -22.82 36.39
N LEU B 405 -27.40 -22.39 35.84
CA LEU B 405 -26.23 -23.26 35.70
C LEU B 405 -25.73 -23.76 37.04
N ALA B 406 -25.96 -23.00 38.10
CA ALA B 406 -25.44 -23.32 39.39
C ALA B 406 -26.42 -24.16 40.20
N GLN B 407 -27.42 -24.69 39.54
CA GLN B 407 -28.34 -25.59 40.16
C GLN B 407 -27.88 -27.01 39.90
N GLY B 408 -28.18 -27.90 40.84
CA GLY B 408 -27.95 -29.34 40.69
C GLY B 408 -28.94 -30.00 39.76
#